data_6A6I
#
_entry.id   6A6I
#
_cell.length_a   54.161
_cell.length_b   101.705
_cell.length_c   66.008
_cell.angle_alpha   90.00
_cell.angle_beta   101.81
_cell.angle_gamma   90.00
#
_symmetry.space_group_name_H-M   'P 1 21 1'
#
loop_
_entity.id
_entity.type
_entity.pdbx_description
1 polymer 'Excision repair cross-complementing rodent repair deficiency, complementation group 6 variant'
2 polymer Polyubiquitin-B
3 polymer Polyubiquitin-B
4 non-polymer GLYCEROL
5 non-polymer 'CHLORIDE ION'
6 water water
#
loop_
_entity_poly.entity_id
_entity_poly.type
_entity_poly.pdbx_seq_one_letter_code
_entity_poly.pdbx_strand_id
1 'polypeptide(L)'
;GPGHMLPERLESESGHLREASALLPTTEHDDLLVEMRNFIAFQAHTDGQASTREILQEFESKLSASQSCVFRELLRNLCT
FHRTSGGEGIWKLKPEYC
;
A,C,E,G
2 'polypeptide(L)' MQIFVKTLTGKTITLEVEPSDTIENVKAKIQDKEGIPPDQQRLIFAGRQLEDGRTLSDYNIQKESTLHLVLRLRGG B,D
3 'polypeptide(L)' MQIFVKTLTGKTITLEVEPSDTIENVKAKIQDKEGIPPDQQRLIFAGKQLEDGRTLSDYNIQKESTLHLVLRLRGGD F,H
#
# COMPACT_ATOMS: atom_id res chain seq x y z
N MET A 5 -3.35 23.81 -4.71
CA MET A 5 -3.92 22.48 -4.55
C MET A 5 -5.42 22.55 -4.37
N LEU A 6 -6.13 21.84 -5.24
CA LEU A 6 -7.59 21.77 -5.21
C LEU A 6 -8.01 20.33 -4.92
N PRO A 7 -9.21 20.13 -4.36
CA PRO A 7 -9.73 18.80 -4.04
C PRO A 7 -9.67 17.82 -5.21
N GLU A 8 -9.98 18.30 -6.41
CA GLU A 8 -9.95 17.46 -7.60
C GLU A 8 -8.54 16.95 -7.89
N ARG A 9 -7.54 17.76 -7.54
CA ARG A 9 -6.15 17.39 -7.78
C ARG A 9 -5.72 16.22 -6.90
N LEU A 10 -6.13 16.23 -5.63
CA LEU A 10 -5.77 15.19 -4.69
C LEU A 10 -6.47 13.86 -4.96
N GLU A 11 -7.71 13.91 -5.41
CA GLU A 11 -8.52 12.71 -5.53
C GLU A 11 -8.44 12.04 -6.91
N SER A 12 -8.18 12.83 -7.94
CA SER A 12 -8.17 12.33 -9.31
C SER A 12 -6.82 11.76 -9.74
N GLU A 13 -5.78 12.54 -9.48
CA GLU A 13 -4.44 12.30 -10.01
C GLU A 13 -3.88 10.90 -9.73
N SER A 14 -3.35 10.28 -10.78
CA SER A 14 -2.73 8.96 -10.69
C SER A 14 -1.39 9.02 -9.96
N GLY A 15 -0.89 7.87 -9.53
CA GLY A 15 0.43 7.80 -8.93
C GLY A 15 1.52 7.89 -9.99
N HIS A 16 2.65 8.50 -9.63
CA HIS A 16 3.74 8.70 -10.58
C HIS A 16 4.99 7.95 -10.15
N LEU A 17 4.95 7.36 -8.97
CA LEU A 17 6.09 6.60 -8.47
C LEU A 17 6.02 5.14 -8.92
N ARG A 18 7.20 4.53 -9.06
CA ARG A 18 7.29 3.13 -9.44
C ARG A 18 6.87 2.24 -8.27
N GLU A 19 6.80 0.94 -8.51
CA GLU A 19 6.47 0.00 -7.45
C GLU A 19 7.52 0.09 -6.35
N ALA A 20 7.14 -0.28 -5.12
CA ALA A 20 8.01 -0.08 -3.97
C ALA A 20 9.15 -1.07 -3.97
N SER A 21 9.09 -2.05 -4.87
CA SER A 21 10.17 -3.00 -5.03
C SER A 21 11.38 -2.33 -5.68
N ALA A 22 11.13 -1.44 -6.63
CA ALA A 22 12.21 -0.78 -7.36
C ALA A 22 12.64 0.55 -6.76
N LEU A 23 11.95 1.02 -5.72
CA LEU A 23 12.29 2.31 -5.13
C LEU A 23 13.21 2.15 -3.92
N LEU A 24 14.14 3.09 -3.76
CA LEU A 24 14.90 3.18 -2.53
C LEU A 24 14.17 4.09 -1.54
N PRO A 25 13.97 3.60 -0.30
CA PRO A 25 13.30 4.34 0.79
C PRO A 25 14.05 5.61 1.19
N THR A 26 13.35 6.74 1.31
CA THR A 26 14.01 7.97 1.71
C THR A 26 13.36 8.60 2.94
N THR A 27 14.19 9.24 3.77
CA THR A 27 13.76 9.85 5.01
C THR A 27 13.45 11.35 4.90
N GLU A 28 13.53 11.88 3.69
CA GLU A 28 13.41 13.32 3.48
C GLU A 28 12.07 13.91 3.94
N HIS A 29 11.02 13.11 3.92
CA HIS A 29 9.68 13.62 4.25
C HIS A 29 9.04 12.90 5.43
N ASP A 30 9.86 12.29 6.29
CA ASP A 30 9.36 11.58 7.46
C ASP A 30 8.61 12.52 8.41
N ASP A 31 9.16 13.72 8.61
CA ASP A 31 8.55 14.71 9.49
C ASP A 31 7.13 15.06 9.06
N LEU A 32 6.95 15.34 7.78
CA LEU A 32 5.64 15.70 7.24
C LEU A 32 4.70 14.50 7.27
N LEU A 33 5.24 13.32 6.96
CA LEU A 33 4.45 12.09 6.93
C LEU A 33 3.84 11.79 8.30
N VAL A 34 4.62 11.99 9.36
CA VAL A 34 4.16 11.76 10.71
C VAL A 34 3.08 12.77 11.12
N GLU A 35 3.29 14.03 10.78
CA GLU A 35 2.30 15.07 11.07
C GLU A 35 0.98 14.81 10.36
N MET A 36 1.05 14.36 9.12
CA MET A 36 -0.15 14.01 8.36
C MET A 36 -0.87 12.83 8.99
N ARG A 37 -0.11 11.84 9.42
CA ARG A 37 -0.67 10.64 10.03
C ARG A 37 -1.38 10.98 11.34
N ASN A 38 -0.73 11.78 12.18
CA ASN A 38 -1.28 12.12 13.49
C ASN A 38 -2.54 12.97 13.41
N PHE A 39 -2.62 13.82 12.39
CA PHE A 39 -3.81 14.64 12.17
C PHE A 39 -5.00 13.77 11.81
N ILE A 40 -4.81 12.90 10.82
CA ILE A 40 -5.87 12.03 10.34
C ILE A 40 -6.29 11.03 11.43
N ALA A 41 -5.34 10.64 12.26
CA ALA A 41 -5.59 9.68 13.33
C ALA A 41 -6.39 10.28 14.48
N PHE A 42 -6.00 11.47 14.94
CA PHE A 42 -6.54 12.01 16.18
C PHE A 42 -7.23 13.36 16.07
N GLN A 43 -6.92 14.13 15.03
CA GLN A 43 -7.30 15.55 15.01
C GLN A 43 -8.43 15.91 14.06
N ALA A 44 -8.96 14.92 13.35
CA ALA A 44 -10.09 15.16 12.46
C ALA A 44 -11.40 14.92 13.21
N HIS A 45 -12.52 15.09 12.52
CA HIS A 45 -13.83 14.87 13.14
C HIS A 45 -13.99 13.44 13.61
N THR A 46 -13.54 12.51 12.80
CA THR A 46 -13.59 11.09 13.14
C THR A 46 -12.18 10.52 13.24
N ASP A 47 -11.95 9.69 14.25
CA ASP A 47 -10.65 9.06 14.44
C ASP A 47 -10.26 8.18 13.26
N GLY A 48 -9.02 8.33 12.79
CA GLY A 48 -8.50 7.47 11.75
C GLY A 48 -8.91 7.80 10.33
N GLN A 49 -9.62 8.92 10.16
CA GLN A 49 -10.04 9.32 8.82
C GLN A 49 -10.27 10.82 8.74
N ALA A 50 -10.17 11.36 7.53
CA ALA A 50 -10.36 12.79 7.30
C ALA A 50 -10.84 13.04 5.88
N SER A 51 -11.74 14.02 5.72
CA SER A 51 -12.21 14.38 4.39
C SER A 51 -11.14 15.18 3.66
N THR A 52 -11.30 15.34 2.35
CA THR A 52 -10.34 16.09 1.55
C THR A 52 -10.25 17.54 2.00
N ARG A 53 -11.41 18.12 2.31
CA ARG A 53 -11.46 19.52 2.75
C ARG A 53 -10.79 19.71 4.10
N GLU A 54 -10.98 18.75 5.01
CA GLU A 54 -10.32 18.79 6.32
C GLU A 54 -8.80 18.82 6.18
N ILE A 55 -8.27 17.93 5.35
CA ILE A 55 -6.83 17.83 5.16
C ILE A 55 -6.27 19.09 4.51
N LEU A 56 -6.99 19.60 3.51
CA LEU A 56 -6.60 20.83 2.83
C LEU A 56 -6.65 22.01 3.80
N GLN A 57 -7.73 22.10 4.57
CA GLN A 57 -7.91 23.16 5.55
C GLN A 57 -6.78 23.18 6.57
N GLU A 58 -6.20 22.01 6.84
CA GLU A 58 -5.15 21.88 7.85
C GLU A 58 -3.76 22.19 7.30
N PHE A 59 -3.48 21.76 6.07
CA PHE A 59 -2.11 21.76 5.56
C PHE A 59 -1.81 22.73 4.41
N GLU A 60 -2.82 23.09 3.64
CA GLU A 60 -2.61 23.87 2.41
C GLU A 60 -1.82 25.16 2.67
N SER A 61 -2.06 25.76 3.84
CA SER A 61 -1.40 26.99 4.22
C SER A 61 0.01 26.75 4.78
N LYS A 62 0.29 25.53 5.22
CA LYS A 62 1.56 25.25 5.91
C LYS A 62 2.62 24.56 5.06
N LEU A 63 2.28 24.20 3.82
CA LEU A 63 3.24 23.47 3.00
C LEU A 63 4.18 24.36 2.20
N SER A 64 5.44 23.95 2.15
CA SER A 64 6.43 24.60 1.30
C SER A 64 6.31 24.03 -0.11
N ALA A 65 7.15 24.53 -1.03
CA ALA A 65 7.12 24.08 -2.41
C ALA A 65 7.42 22.59 -2.55
N SER A 66 8.49 22.14 -1.89
CA SER A 66 8.90 20.75 -1.97
C SER A 66 7.88 19.81 -1.33
N GLN A 67 7.25 20.28 -0.26
CA GLN A 67 6.25 19.49 0.45
C GLN A 67 4.99 19.32 -0.39
N SER A 68 4.65 20.37 -1.15
CA SER A 68 3.50 20.34 -2.03
C SER A 68 3.68 19.30 -3.14
N CYS A 69 4.93 19.12 -3.57
CA CYS A 69 5.26 18.18 -4.62
C CYS A 69 4.93 16.74 -4.23
N VAL A 70 5.16 16.40 -2.97
CA VAL A 70 5.04 15.02 -2.51
C VAL A 70 3.83 14.78 -1.61
N PHE A 71 3.03 15.82 -1.38
CA PHE A 71 1.92 15.74 -0.43
C PHE A 71 0.90 14.66 -0.79
N ARG A 72 0.51 14.59 -2.06
CA ARG A 72 -0.46 13.60 -2.50
C ARG A 72 0.11 12.18 -2.38
N GLU A 73 1.39 12.03 -2.67
CA GLU A 73 2.05 10.73 -2.57
C GLU A 73 2.12 10.27 -1.11
N LEU A 74 2.37 11.20 -0.20
CA LEU A 74 2.39 10.90 1.22
C LEU A 74 1.00 10.54 1.72
N LEU A 75 -0.02 11.19 1.16
CA LEU A 75 -1.41 10.91 1.50
C LEU A 75 -1.81 9.51 1.05
N ARG A 76 -1.35 9.14 -0.16
CA ARG A 76 -1.60 7.82 -0.71
C ARG A 76 -0.81 6.74 0.03
N ASN A 77 0.31 7.15 0.62
CA ASN A 77 1.10 6.29 1.48
C ASN A 77 0.30 5.92 2.73
N LEU A 78 -0.32 6.93 3.34
CA LEU A 78 -1.00 6.75 4.61
C LEU A 78 -2.42 6.19 4.47
N CYS A 79 -3.13 6.62 3.43
CA CYS A 79 -4.56 6.39 3.39
C CYS A 79 -5.09 5.78 2.09
N THR A 80 -6.23 5.11 2.20
CA THR A 80 -7.04 4.72 1.06
C THR A 80 -8.09 5.80 0.84
N PHE A 81 -8.49 6.02 -0.41
CA PHE A 81 -9.48 7.04 -0.70
C PHE A 81 -10.87 6.44 -0.83
N HIS A 82 -11.86 7.12 -0.28
CA HIS A 82 -13.24 6.64 -0.29
C HIS A 82 -14.22 7.75 -0.62
N ARG A 83 -15.32 7.38 -1.26
CA ARG A 83 -16.40 8.32 -1.53
C ARG A 83 -17.68 7.81 -0.87
N THR A 84 -18.25 8.63 0.01
CA THR A 84 -19.49 8.26 0.68
C THR A 84 -20.67 8.24 -0.27
N SER A 85 -21.82 7.77 0.23
CA SER A 85 -23.04 7.75 -0.55
C SER A 85 -23.50 9.17 -0.87
N GLY A 86 -23.08 10.12 -0.03
CA GLY A 86 -23.42 11.52 -0.22
C GLY A 86 -22.46 12.24 -1.16
N GLY A 87 -21.34 11.59 -1.46
CA GLY A 87 -20.38 12.15 -2.41
C GLY A 87 -19.19 12.85 -1.79
N GLU A 88 -18.97 12.65 -0.50
CA GLU A 88 -17.83 13.26 0.18
C GLU A 88 -16.58 12.39 0.08
N GLY A 89 -15.46 13.01 -0.30
CA GLY A 89 -14.21 12.29 -0.39
C GLY A 89 -13.57 12.11 0.97
N ILE A 90 -13.36 10.87 1.38
CA ILE A 90 -12.76 10.58 2.67
C ILE A 90 -11.47 9.75 2.58
N TRP A 91 -10.44 10.21 3.27
CA TRP A 91 -9.17 9.48 3.33
C TRP A 91 -9.08 8.73 4.66
N LYS A 92 -8.98 7.41 4.59
CA LYS A 92 -8.95 6.59 5.80
C LYS A 92 -7.58 5.95 5.99
N LEU A 93 -7.00 6.13 7.17
CA LEU A 93 -5.70 5.56 7.49
C LEU A 93 -5.67 4.04 7.30
N LYS A 94 -4.64 3.57 6.61
CA LYS A 94 -4.39 2.15 6.45
C LYS A 94 -4.11 1.54 7.82
N PRO A 95 -4.48 0.26 8.02
CA PRO A 95 -4.31 -0.41 9.32
C PRO A 95 -2.87 -0.41 9.83
N GLU A 96 -1.90 -0.33 8.92
CA GLU A 96 -0.50 -0.33 9.33
C GLU A 96 -0.14 0.97 10.05
N TYR A 97 -0.92 2.02 9.84
CA TYR A 97 -0.66 3.31 10.46
C TYR A 97 -1.67 3.64 11.56
N CYS A 98 -2.52 2.67 11.88
CA CYS A 98 -3.52 2.86 12.93
C CYS A 98 -3.02 2.27 14.25
N MET B 1 25.34 0.65 18.38
CA MET B 1 25.35 1.95 17.72
C MET B 1 24.27 2.86 18.29
N GLN B 2 24.40 4.16 18.02
CA GLN B 2 23.44 5.15 18.53
C GLN B 2 22.47 5.58 17.44
N ILE B 3 21.18 5.55 17.77
CA ILE B 3 20.15 6.08 16.88
C ILE B 3 19.31 7.12 17.61
N PHE B 4 18.55 7.88 16.85
CA PHE B 4 17.69 8.91 17.43
C PHE B 4 16.23 8.52 17.25
N VAL B 5 15.40 8.87 18.23
CA VAL B 5 13.97 8.62 18.12
C VAL B 5 13.17 9.87 18.48
N LYS B 6 12.36 10.33 17.52
CA LYS B 6 11.46 11.44 17.77
C LYS B 6 10.24 10.93 18.54
N THR B 7 10.00 11.51 19.71
CA THR B 7 8.93 11.04 20.58
C THR B 7 7.58 11.60 20.15
N LEU B 8 6.56 11.37 20.97
CA LEU B 8 5.21 11.80 20.64
C LEU B 8 5.08 13.32 20.61
N THR B 9 5.87 14.00 21.43
CA THR B 9 5.82 15.46 21.49
C THR B 9 6.72 16.10 20.44
N GLY B 10 7.54 15.28 19.78
CA GLY B 10 8.43 15.77 18.75
C GLY B 10 9.86 15.95 19.18
N LYS B 11 10.13 15.82 20.48
CA LYS B 11 11.50 15.93 20.97
C LYS B 11 12.27 14.66 20.65
N THR B 12 13.59 14.78 20.54
CA THR B 12 14.42 13.64 20.15
C THR B 12 15.17 13.01 21.33
N ILE B 13 15.11 11.68 21.40
CA ILE B 13 15.83 10.92 22.40
C ILE B 13 16.90 10.03 21.75
N THR B 14 17.81 9.51 22.56
CA THR B 14 18.90 8.68 22.05
C THR B 14 18.80 7.24 22.56
N LEU B 15 18.94 6.29 21.65
CA LEU B 15 18.95 4.87 22.01
C LEU B 15 20.28 4.23 21.63
N GLU B 16 20.72 3.28 22.45
CA GLU B 16 21.89 2.49 22.11
C GLU B 16 21.41 1.14 21.59
N VAL B 17 21.61 0.90 20.30
CA VAL B 17 21.08 -0.30 19.66
C VAL B 17 22.13 -1.01 18.81
N GLU B 18 21.79 -2.22 18.39
CA GLU B 18 22.61 -2.98 17.45
C GLU B 18 21.82 -3.28 16.19
N PRO B 19 22.52 -3.39 15.04
CA PRO B 19 21.87 -3.70 13.77
C PRO B 19 21.04 -4.98 13.79
N SER B 20 21.36 -5.90 14.71
CA SER B 20 20.65 -7.16 14.80
C SER B 20 19.40 -7.06 15.69
N ASP B 21 19.23 -5.93 16.36
CA ASP B 21 18.04 -5.72 17.19
C ASP B 21 16.76 -5.69 16.35
N THR B 22 15.74 -6.36 16.85
CA THR B 22 14.43 -6.33 16.20
C THR B 22 13.71 -5.03 16.57
N ILE B 23 12.72 -4.66 15.77
CA ILE B 23 11.92 -3.48 16.04
C ILE B 23 11.23 -3.64 17.40
N GLU B 24 10.87 -4.88 17.71
CA GLU B 24 10.28 -5.22 19.01
C GLU B 24 11.23 -4.88 20.15
N ASN B 25 12.52 -5.15 19.95
CA ASN B 25 13.53 -4.82 20.94
C ASN B 25 13.66 -3.31 21.11
N VAL B 26 13.60 -2.58 20.00
CA VAL B 26 13.72 -1.13 20.00
C VAL B 26 12.56 -0.49 20.75
N LYS B 27 11.35 -1.02 20.52
CA LYS B 27 10.16 -0.52 21.19
C LYS B 27 10.24 -0.75 22.71
N ALA B 28 10.90 -1.83 23.10
CA ALA B 28 11.12 -2.13 24.51
C ALA B 28 12.06 -1.10 25.13
N LYS B 29 13.07 -0.71 24.35
CA LYS B 29 14.02 0.30 24.79
C LYS B 29 13.37 1.67 24.91
N ILE B 30 12.42 1.93 24.02
CA ILE B 30 11.66 3.18 24.06
C ILE B 30 10.76 3.23 25.29
N GLN B 31 10.20 2.08 25.65
CA GLN B 31 9.37 1.97 26.84
C GLN B 31 10.12 2.35 28.11
N ASP B 32 11.37 1.90 28.21
CA ASP B 32 12.20 2.20 29.37
C ASP B 32 12.44 3.69 29.56
N LYS B 33 12.48 4.43 28.45
CA LYS B 33 12.77 5.86 28.51
C LYS B 33 11.51 6.72 28.46
N GLU B 34 10.47 6.24 27.80
CA GLU B 34 9.28 7.05 27.57
C GLU B 34 8.04 6.54 28.31
N GLY B 35 8.08 5.31 28.79
CA GLY B 35 6.97 4.78 29.56
C GLY B 35 5.79 4.37 28.71
N ILE B 36 6.02 4.19 27.41
CA ILE B 36 4.97 3.77 26.50
C ILE B 36 5.10 2.29 26.19
N PRO B 37 4.04 1.52 26.50
CA PRO B 37 4.06 0.08 26.24
C PRO B 37 4.22 -0.23 24.75
N PRO B 38 4.98 -1.30 24.43
CA PRO B 38 5.29 -1.70 23.05
C PRO B 38 4.06 -1.92 22.18
N ASP B 39 2.98 -2.41 22.79
CA ASP B 39 1.75 -2.71 22.05
C ASP B 39 0.97 -1.43 21.70
N GLN B 40 1.47 -0.29 22.16
CA GLN B 40 0.87 0.99 21.84
C GLN B 40 1.77 1.84 20.94
N GLN B 41 2.90 1.26 20.52
CA GLN B 41 3.86 1.97 19.69
C GLN B 41 3.82 1.55 18.22
N ARG B 42 4.06 2.51 17.34
CA ARG B 42 4.38 2.24 15.94
C ARG B 42 5.58 3.09 15.53
N LEU B 43 6.55 2.48 14.87
CA LEU B 43 7.75 3.19 14.44
C LEU B 43 7.74 3.45 12.94
N ILE B 44 8.01 4.70 12.56
CA ILE B 44 8.04 5.08 11.16
C ILE B 44 9.44 5.55 10.73
N PHE B 45 9.93 4.98 9.63
CA PHE B 45 11.24 5.35 9.11
C PHE B 45 11.29 5.20 7.59
N ALA B 46 11.77 6.25 6.92
CA ALA B 46 11.90 6.27 5.47
C ALA B 46 10.59 5.96 4.76
N GLY B 47 9.51 6.60 5.20
CA GLY B 47 8.21 6.45 4.55
C GLY B 47 7.57 5.09 4.77
N ARG B 48 8.09 4.33 5.73
CA ARG B 48 7.55 2.99 6.01
C ARG B 48 7.23 2.81 7.49
N GLN B 49 6.25 1.96 7.77
CA GLN B 49 5.98 1.55 9.14
C GLN B 49 6.76 0.28 9.45
N LEU B 50 7.48 0.27 10.56
CA LEU B 50 8.41 -0.82 10.86
C LEU B 50 7.72 -2.01 11.51
N GLU B 51 7.91 -3.19 10.94
CA GLU B 51 7.31 -4.41 11.45
C GLU B 51 8.16 -5.02 12.58
N ASP B 52 7.49 -5.47 13.63
CA ASP B 52 8.15 -5.94 14.86
C ASP B 52 9.15 -7.08 14.65
N GLY B 53 8.84 -7.99 13.74
CA GLY B 53 9.65 -9.18 13.54
C GLY B 53 10.99 -8.91 12.89
N ARG B 54 11.10 -7.81 12.15
CA ARG B 54 12.30 -7.52 11.39
C ARG B 54 13.33 -6.76 12.22
N THR B 55 14.55 -6.67 11.71
CA THR B 55 15.63 -6.01 12.42
C THR B 55 15.91 -4.61 11.87
N LEU B 56 16.77 -3.87 12.57
CA LEU B 56 17.16 -2.54 12.14
C LEU B 56 17.98 -2.63 10.84
N SER B 57 18.79 -3.67 10.74
CA SER B 57 19.59 -3.90 9.55
C SER B 57 18.72 -4.20 8.34
N ASP B 58 17.58 -4.86 8.59
CA ASP B 58 16.62 -5.18 7.52
C ASP B 58 16.09 -3.92 6.84
N TYR B 59 16.00 -2.83 7.58
CA TYR B 59 15.51 -1.56 7.04
C TYR B 59 16.68 -0.64 6.72
N ASN B 60 17.88 -1.20 6.74
CA ASN B 60 19.11 -0.45 6.49
C ASN B 60 19.24 0.78 7.37
N ILE B 61 18.73 0.66 8.59
CA ILE B 61 18.84 1.71 9.58
C ILE B 61 20.26 1.76 10.13
N GLN B 62 20.93 2.89 9.95
CA GLN B 62 22.35 3.00 10.27
C GLN B 62 22.61 3.86 11.51
N LYS B 63 23.89 4.13 11.73
CA LYS B 63 24.33 5.00 12.82
C LYS B 63 23.71 6.38 12.66
N GLU B 64 23.19 6.92 13.76
CA GLU B 64 22.59 8.25 13.79
C GLU B 64 21.38 8.40 12.88
N SER B 65 20.70 7.29 12.60
CA SER B 65 19.43 7.33 11.90
C SER B 65 18.34 7.83 12.84
N THR B 66 17.29 8.42 12.28
CA THR B 66 16.21 8.96 13.12
C THR B 66 14.89 8.25 12.86
N LEU B 67 14.41 7.51 13.86
CA LEU B 67 13.11 6.86 13.79
C LEU B 67 12.04 7.78 14.33
N HIS B 68 10.79 7.52 13.96
CA HIS B 68 9.68 8.34 14.43
C HIS B 68 8.64 7.50 15.18
N LEU B 69 8.43 7.84 16.44
CA LEU B 69 7.47 7.16 17.28
C LEU B 69 6.09 7.79 17.15
N VAL B 70 5.08 6.98 16.87
CA VAL B 70 3.70 7.45 16.88
C VAL B 70 2.85 6.57 17.77
N LEU B 71 1.79 7.16 18.32
CA LEU B 71 0.90 6.44 19.23
C LEU B 71 -0.16 5.66 18.47
N ARG B 72 -0.30 4.38 18.82
CA ARG B 72 -1.31 3.52 18.19
C ARG B 72 -2.70 4.04 18.50
N LEU B 73 -3.53 4.14 17.46
CA LEU B 73 -4.89 4.64 17.59
C LEU B 73 -5.83 3.59 18.17
N ARG B 74 -5.96 2.47 17.47
CA ARG B 74 -6.90 1.42 17.84
C ARG B 74 -6.45 0.69 19.11
N MET C 5 -24.86 -5.75 -4.16
CA MET C 5 -23.81 -4.74 -4.12
C MET C 5 -24.17 -3.49 -4.91
N LEU C 6 -24.06 -2.34 -4.27
CA LEU C 6 -24.35 -1.08 -4.93
C LEU C 6 -23.05 -0.27 -5.06
N PRO C 7 -22.98 0.62 -6.06
CA PRO C 7 -21.78 1.42 -6.29
C PRO C 7 -21.32 2.18 -5.05
N GLU C 8 -22.28 2.72 -4.29
CA GLU C 8 -21.98 3.49 -3.10
C GLU C 8 -21.30 2.64 -2.02
N ARG C 9 -21.70 1.37 -1.94
CA ARG C 9 -21.14 0.46 -0.95
C ARG C 9 -19.67 0.12 -1.25
N LEU C 10 -19.37 -0.06 -2.52
CA LEU C 10 -18.02 -0.45 -2.95
C LEU C 10 -16.99 0.66 -2.71
N GLU C 11 -17.42 1.91 -2.86
CA GLU C 11 -16.48 3.03 -2.80
C GLU C 11 -16.36 3.63 -1.40
N SER C 12 -17.41 3.50 -0.60
CA SER C 12 -17.45 4.15 0.72
C SER C 12 -16.83 3.30 1.82
N GLU C 13 -17.27 2.05 1.91
CA GLU C 13 -16.96 1.16 3.03
C GLU C 13 -15.48 1.13 3.40
N SER C 14 -15.22 1.19 4.71
CA SER C 14 -13.87 1.15 5.24
C SER C 14 -13.29 -0.27 5.13
N GLY C 15 -11.97 -0.38 5.30
CA GLY C 15 -11.35 -1.69 5.35
C GLY C 15 -11.62 -2.26 6.73
N HIS C 16 -11.84 -3.57 6.81
CA HIS C 16 -12.17 -4.20 8.09
C HIS C 16 -11.12 -5.19 8.53
N LEU C 17 -10.13 -5.43 7.67
CA LEU C 17 -9.05 -6.35 8.00
C LEU C 17 -7.91 -5.62 8.71
N ARG C 18 -7.15 -6.36 9.51
CA ARG C 18 -5.99 -5.82 10.19
C ARG C 18 -4.86 -5.62 9.19
N GLU C 19 -3.72 -5.13 9.66
CA GLU C 19 -2.55 -4.95 8.80
C GLU C 19 -2.15 -6.30 8.20
N ALA C 20 -1.54 -6.27 7.02
CA ALA C 20 -1.26 -7.49 6.27
C ALA C 20 -0.11 -8.31 6.85
N SER C 21 0.73 -7.68 7.66
CA SER C 21 1.80 -8.39 8.33
C SER C 21 1.25 -9.31 9.42
N ALA C 22 0.09 -8.96 9.97
CA ALA C 22 -0.50 -9.74 11.05
C ALA C 22 -1.47 -10.79 10.54
N LEU C 23 -1.71 -10.83 9.23
CA LEU C 23 -2.64 -11.77 8.64
C LEU C 23 -1.90 -12.99 8.10
N LEU C 24 -2.54 -14.16 8.15
CA LEU C 24 -1.99 -15.33 7.49
C LEU C 24 -2.34 -15.37 6.00
N PRO C 25 -1.33 -15.58 5.15
CA PRO C 25 -1.43 -15.65 3.69
C PRO C 25 -2.31 -16.80 3.21
N THR C 26 -3.27 -16.51 2.34
CA THR C 26 -4.10 -17.58 1.80
C THR C 26 -4.16 -17.53 0.28
N THR C 27 -4.19 -18.71 -0.34
CA THR C 27 -4.24 -18.85 -1.80
C THR C 27 -5.65 -19.02 -2.32
N GLU C 28 -6.62 -18.96 -1.41
CA GLU C 28 -8.01 -19.25 -1.71
C GLU C 28 -8.59 -18.35 -2.80
N HIS C 29 -8.07 -17.13 -2.91
CA HIS C 29 -8.64 -16.16 -3.83
C HIS C 29 -7.66 -15.70 -4.91
N ASP C 30 -6.64 -16.50 -5.17
CA ASP C 30 -5.67 -16.16 -6.21
C ASP C 30 -6.29 -16.10 -7.60
N ASP C 31 -7.15 -17.07 -7.90
CA ASP C 31 -7.82 -17.16 -9.20
C ASP C 31 -8.66 -15.92 -9.50
N LEU C 32 -9.49 -15.52 -8.53
CA LEU C 32 -10.35 -14.36 -8.70
C LEU C 32 -9.53 -13.08 -8.78
N LEU C 33 -8.48 -13.00 -7.96
CA LEU C 33 -7.61 -11.83 -7.92
C LEU C 33 -6.96 -11.59 -9.28
N VAL C 34 -6.55 -12.67 -9.93
CA VAL C 34 -5.94 -12.61 -11.25
C VAL C 34 -6.96 -12.21 -12.31
N GLU C 35 -8.16 -12.78 -12.22
CA GLU C 35 -9.24 -12.46 -13.15
C GLU C 35 -9.63 -10.98 -13.06
N MET C 36 -9.67 -10.48 -11.83
CA MET C 36 -9.97 -9.07 -11.60
C MET C 36 -8.86 -8.17 -12.15
N ARG C 37 -7.62 -8.58 -11.94
CA ARG C 37 -6.46 -7.81 -12.39
C ARG C 37 -6.42 -7.68 -13.91
N ASN C 38 -6.62 -8.80 -14.61
CA ASN C 38 -6.55 -8.81 -16.07
C ASN C 38 -7.68 -8.02 -16.73
N PHE C 39 -8.85 -8.00 -16.08
CA PHE C 39 -9.97 -7.22 -16.60
C PHE C 39 -9.65 -5.74 -16.55
N ILE C 40 -9.19 -5.28 -15.39
CA ILE C 40 -8.85 -3.89 -15.18
C ILE C 40 -7.66 -3.48 -16.07
N ALA C 41 -6.76 -4.44 -16.30
CA ALA C 41 -5.58 -4.18 -17.11
C ALA C 41 -5.87 -4.10 -18.61
N PHE C 42 -6.63 -5.05 -19.14
CA PHE C 42 -6.76 -5.19 -20.59
C PHE C 42 -8.17 -5.11 -21.14
N GLN C 43 -9.18 -5.37 -20.31
CA GLN C 43 -10.52 -5.59 -20.84
C GLN C 43 -11.50 -4.46 -20.56
N ALA C 44 -11.04 -3.41 -19.89
CA ALA C 44 -11.91 -2.27 -19.64
C ALA C 44 -11.77 -1.27 -20.78
N HIS C 45 -12.51 -0.16 -20.69
CA HIS C 45 -12.48 0.86 -21.73
C HIS C 45 -11.10 1.49 -21.85
N THR C 46 -10.46 1.73 -20.70
CA THR C 46 -9.11 2.27 -20.67
C THR C 46 -8.18 1.26 -19.99
N ASP C 47 -6.98 1.10 -20.54
CA ASP C 47 -5.99 0.18 -19.98
C ASP C 47 -5.55 0.57 -18.57
N GLY C 48 -5.53 -0.41 -17.67
CA GLY C 48 -5.01 -0.23 -16.33
C GLY C 48 -5.96 0.43 -15.35
N GLN C 49 -7.21 0.66 -15.79
CA GLN C 49 -8.19 1.29 -14.92
C GLN C 49 -9.61 0.92 -15.32
N ALA C 50 -10.52 1.01 -14.36
CA ALA C 50 -11.93 0.73 -14.60
C ALA C 50 -12.80 1.50 -13.62
N SER C 51 -13.93 2.00 -14.11
CA SER C 51 -14.88 2.69 -13.25
C SER C 51 -15.62 1.68 -12.39
N THR C 52 -16.30 2.17 -11.36
CA THR C 52 -17.07 1.32 -10.46
C THR C 52 -18.14 0.56 -11.24
N ARG C 53 -18.73 1.25 -12.22
CA ARG C 53 -19.80 0.68 -13.03
C ARG C 53 -19.32 -0.53 -13.83
N GLU C 54 -18.13 -0.38 -14.41
CA GLU C 54 -17.51 -1.43 -15.20
C GLU C 54 -17.26 -2.68 -14.39
N ILE C 55 -16.66 -2.51 -13.21
CA ILE C 55 -16.31 -3.62 -12.35
C ILE C 55 -17.57 -4.34 -11.87
N LEU C 56 -18.57 -3.56 -11.47
CA LEU C 56 -19.84 -4.13 -11.04
C LEU C 56 -20.56 -4.84 -12.18
N GLN C 57 -20.63 -4.18 -13.34
CA GLN C 57 -21.31 -4.76 -14.51
C GLN C 57 -20.69 -6.09 -14.93
N GLU C 58 -19.39 -6.25 -14.70
CA GLU C 58 -18.68 -7.44 -15.10
C GLU C 58 -18.78 -8.57 -14.08
N PHE C 59 -18.78 -8.23 -12.79
CA PHE C 59 -18.58 -9.23 -11.76
C PHE C 59 -19.82 -9.53 -10.90
N GLU C 60 -20.77 -8.59 -10.83
CA GLU C 60 -21.91 -8.72 -9.93
C GLU C 60 -22.70 -10.01 -10.13
N SER C 61 -22.80 -10.47 -11.37
CA SER C 61 -23.57 -11.67 -11.67
C SER C 61 -22.81 -12.98 -11.44
N LYS C 62 -21.48 -12.93 -11.50
CA LYS C 62 -20.68 -14.16 -11.46
C LYS C 62 -19.97 -14.45 -10.13
N LEU C 63 -20.14 -13.59 -9.13
CA LEU C 63 -19.48 -13.80 -7.84
C LEU C 63 -20.28 -14.76 -6.96
N SER C 64 -19.58 -15.65 -6.26
CA SER C 64 -20.22 -16.53 -5.29
C SER C 64 -20.38 -15.81 -3.95
N ALA C 65 -20.97 -16.50 -2.98
CA ALA C 65 -21.20 -15.92 -1.66
C ALA C 65 -19.89 -15.56 -0.97
N SER C 66 -18.96 -16.52 -0.94
CA SER C 66 -17.67 -16.30 -0.29
C SER C 66 -16.84 -15.24 -1.00
N GLN C 67 -16.94 -15.22 -2.33
CA GLN C 67 -16.21 -14.26 -3.15
C GLN C 67 -16.76 -12.85 -2.98
N SER C 68 -18.08 -12.74 -2.81
CA SER C 68 -18.73 -11.46 -2.63
C SER C 68 -18.27 -10.77 -1.35
N CYS C 69 -18.00 -11.56 -0.32
CA CYS C 69 -17.56 -11.05 0.97
C CYS C 69 -16.22 -10.32 0.90
N VAL C 70 -15.31 -10.83 0.07
CA VAL C 70 -13.94 -10.34 0.02
C VAL C 70 -13.63 -9.53 -1.23
N PHE C 71 -14.63 -9.35 -2.09
CA PHE C 71 -14.42 -8.71 -3.39
C PHE C 71 -13.85 -7.31 -3.29
N ARG C 72 -14.40 -6.50 -2.38
CA ARG C 72 -13.94 -5.13 -2.19
C ARG C 72 -12.51 -5.09 -1.65
N GLU C 73 -12.18 -6.05 -0.79
CA GLU C 73 -10.84 -6.14 -0.23
C GLU C 73 -9.82 -6.51 -1.32
N LEU C 74 -10.24 -7.38 -2.23
CA LEU C 74 -9.41 -7.77 -3.36
C LEU C 74 -9.19 -6.61 -4.33
N LEU C 75 -10.21 -5.79 -4.50
CA LEU C 75 -10.12 -4.64 -5.40
C LEU C 75 -9.14 -3.60 -4.89
N ARG C 76 -9.18 -3.34 -3.59
CA ARG C 76 -8.26 -2.39 -2.97
C ARG C 76 -6.86 -2.98 -2.86
N ASN C 77 -6.77 -4.31 -2.87
CA ASN C 77 -5.48 -4.98 -2.98
C ASN C 77 -4.85 -4.60 -4.31
N LEU C 78 -5.65 -4.67 -5.37
CA LEU C 78 -5.17 -4.43 -6.72
C LEU C 78 -5.09 -2.95 -7.05
N CYS C 79 -6.06 -2.18 -6.57
CA CYS C 79 -6.23 -0.81 -7.05
C CYS C 79 -6.36 0.25 -5.97
N THR C 80 -5.99 1.47 -6.34
CA THR C 80 -6.31 2.66 -5.58
C THR C 80 -7.58 3.30 -6.14
N PHE C 81 -8.36 3.95 -5.29
CA PHE C 81 -9.61 4.57 -5.73
C PHE C 81 -9.42 6.05 -6.02
N HIS C 82 -10.02 6.52 -7.10
CA HIS C 82 -9.89 7.91 -7.52
C HIS C 82 -11.23 8.49 -7.98
N ARG C 83 -11.40 9.80 -7.77
CA ARG C 83 -12.58 10.49 -8.27
C ARG C 83 -12.15 11.59 -9.23
N THR C 84 -12.64 11.53 -10.46
CA THR C 84 -12.33 12.53 -11.47
C THR C 84 -12.97 13.89 -11.16
N SER C 85 -12.59 14.89 -11.95
CA SER C 85 -13.16 16.23 -11.81
C SER C 85 -14.64 16.22 -12.17
N GLY C 86 -15.05 15.25 -12.97
CA GLY C 86 -16.44 15.11 -13.37
C GLY C 86 -17.24 14.33 -12.35
N GLY C 87 -16.54 13.70 -11.41
CA GLY C 87 -17.19 12.97 -10.33
C GLY C 87 -17.28 11.48 -10.51
N GLU C 88 -16.53 10.94 -11.46
CA GLU C 88 -16.54 9.50 -11.71
C GLU C 88 -15.54 8.75 -10.84
N GLY C 89 -15.99 7.67 -10.22
CA GLY C 89 -15.11 6.84 -9.41
C GLY C 89 -14.29 5.94 -10.32
N ILE C 90 -12.98 6.06 -10.24
CA ILE C 90 -12.08 5.26 -11.07
C ILE C 90 -11.14 4.42 -10.21
N TRP C 91 -11.05 3.13 -10.49
CA TRP C 91 -10.13 2.25 -9.78
C TRP C 91 -8.92 2.01 -10.66
N LYS C 92 -7.75 2.43 -10.18
CA LYS C 92 -6.52 2.31 -10.94
C LYS C 92 -5.57 1.29 -10.36
N LEU C 93 -5.11 0.37 -11.21
CA LEU C 93 -4.16 -0.67 -10.81
C LEU C 93 -2.90 -0.08 -10.18
N LYS C 94 -2.51 -0.62 -9.03
CA LYS C 94 -1.25 -0.26 -8.40
C LYS C 94 -0.09 -0.67 -9.32
N PRO C 95 1.02 0.08 -9.27
CA PRO C 95 2.16 -0.19 -10.17
C PRO C 95 2.70 -1.62 -10.07
N GLU C 96 2.51 -2.25 -8.92
CA GLU C 96 2.98 -3.63 -8.73
C GLU C 96 2.17 -4.61 -9.56
N TYR C 97 0.96 -4.21 -9.95
CA TYR C 97 0.07 -5.09 -10.70
C TYR C 97 -0.09 -4.66 -12.16
N CYS C 98 0.67 -3.66 -12.58
CA CYS C 98 0.64 -3.20 -13.98
C CYS C 98 1.74 -3.85 -14.81
N MET D 1 12.67 -29.32 -5.80
CA MET D 1 11.24 -29.59 -5.61
C MET D 1 10.42 -29.09 -6.79
N GLN D 2 9.19 -29.58 -6.88
CA GLN D 2 8.28 -29.21 -7.96
C GLN D 2 7.25 -28.18 -7.52
N ILE D 3 7.11 -27.11 -8.29
CA ILE D 3 6.04 -26.15 -8.08
C ILE D 3 5.25 -25.99 -9.37
N PHE D 4 4.05 -25.43 -9.28
CA PHE D 4 3.20 -25.24 -10.44
C PHE D 4 3.02 -23.76 -10.77
N VAL D 5 2.91 -23.45 -12.05
CA VAL D 5 2.64 -22.10 -12.49
C VAL D 5 1.49 -22.08 -13.49
N LYS D 6 0.42 -21.36 -13.17
CA LYS D 6 -0.67 -21.21 -14.11
C LYS D 6 -0.29 -20.14 -15.13
N THR D 7 -0.26 -20.53 -16.40
CA THR D 7 0.20 -19.64 -17.46
C THR D 7 -0.88 -18.71 -17.99
N LEU D 8 -0.55 -17.98 -19.04
CA LEU D 8 -1.47 -17.02 -19.65
C LEU D 8 -2.62 -17.70 -20.37
N THR D 9 -2.39 -18.92 -20.83
CA THR D 9 -3.41 -19.66 -21.59
C THR D 9 -4.35 -20.38 -20.63
N GLY D 10 -3.99 -20.39 -19.35
CA GLY D 10 -4.80 -20.99 -18.32
C GLY D 10 -4.28 -22.38 -17.97
N LYS D 11 -3.37 -22.87 -18.80
CA LYS D 11 -2.75 -24.17 -18.56
C LYS D 11 -1.69 -24.06 -17.48
N THR D 12 -1.45 -25.18 -16.79
CA THR D 12 -0.49 -25.22 -15.71
C THR D 12 0.79 -25.93 -16.16
N ILE D 13 1.93 -25.34 -15.86
CA ILE D 13 3.20 -25.97 -16.14
C ILE D 13 3.91 -26.34 -14.85
N THR D 14 4.91 -27.21 -14.95
CA THR D 14 5.63 -27.66 -13.78
C THR D 14 7.09 -27.23 -13.86
N LEU D 15 7.60 -26.67 -12.77
CA LEU D 15 8.97 -26.23 -12.70
C LEU D 15 9.74 -27.01 -11.66
N GLU D 16 11.03 -27.25 -11.91
CA GLU D 16 11.89 -27.86 -10.91
C GLU D 16 12.72 -26.76 -10.27
N VAL D 17 12.43 -26.50 -8.99
CA VAL D 17 13.05 -25.37 -8.30
C VAL D 17 13.61 -25.75 -6.94
N GLU D 18 14.38 -24.83 -6.37
CA GLU D 18 14.85 -24.95 -5.01
C GLU D 18 14.33 -23.76 -4.21
N PRO D 19 14.07 -23.97 -2.91
CA PRO D 19 13.57 -22.90 -2.03
C PRO D 19 14.47 -21.66 -2.03
N SER D 20 15.74 -21.83 -2.36
CA SER D 20 16.69 -20.73 -2.37
C SER D 20 16.68 -19.97 -3.69
N ASP D 21 15.96 -20.50 -4.68
CA ASP D 21 15.83 -19.81 -5.97
C ASP D 21 15.09 -18.49 -5.80
N THR D 22 15.59 -17.45 -6.46
CA THR D 22 14.93 -16.16 -6.45
C THR D 22 13.75 -16.17 -7.41
N ILE D 23 12.83 -15.24 -7.23
CA ILE D 23 11.68 -15.10 -8.12
C ILE D 23 12.16 -14.81 -9.55
N GLU D 24 13.27 -14.09 -9.64
CA GLU D 24 13.90 -13.78 -10.91
C GLU D 24 14.34 -15.06 -11.63
N ASN D 25 14.88 -16.01 -10.88
CA ASN D 25 15.26 -17.31 -11.43
C ASN D 25 14.06 -18.09 -11.93
N VAL D 26 12.97 -18.03 -11.17
CA VAL D 26 11.75 -18.74 -11.51
C VAL D 26 11.17 -18.19 -12.82
N LYS D 27 11.21 -16.87 -12.96
CA LYS D 27 10.74 -16.22 -14.18
C LYS D 27 11.59 -16.61 -15.38
N ALA D 28 12.87 -16.86 -15.13
CA ALA D 28 13.78 -17.33 -16.17
C ALA D 28 13.39 -18.73 -16.63
N LYS D 29 12.98 -19.55 -15.68
CA LYS D 29 12.53 -20.91 -15.98
C LYS D 29 11.21 -20.89 -16.73
N ILE D 30 10.36 -19.92 -16.41
CA ILE D 30 9.08 -19.75 -17.09
C ILE D 30 9.31 -19.32 -18.54
N GLN D 31 10.31 -18.46 -18.73
CA GLN D 31 10.68 -18.01 -20.07
C GLN D 31 11.09 -19.19 -20.94
N ASP D 32 11.85 -20.12 -20.35
CA ASP D 32 12.32 -21.30 -21.06
C ASP D 32 11.17 -22.17 -21.56
N LYS D 33 10.06 -22.15 -20.83
CA LYS D 33 8.92 -23.00 -21.17
C LYS D 33 7.84 -22.27 -21.96
N GLU D 34 7.70 -20.97 -21.74
CA GLU D 34 6.62 -20.21 -22.34
C GLU D 34 7.06 -19.16 -23.36
N GLY D 35 8.34 -18.79 -23.34
CA GLY D 35 8.86 -17.82 -24.30
C GLY D 35 8.51 -16.39 -23.94
N ILE D 36 8.13 -16.18 -22.68
CA ILE D 36 7.79 -14.86 -22.19
C ILE D 36 8.95 -14.29 -21.38
N PRO D 37 9.48 -13.13 -21.81
CA PRO D 37 10.61 -12.52 -21.08
C PRO D 37 10.25 -12.20 -19.64
N PRO D 38 11.21 -12.41 -18.71
CA PRO D 38 11.01 -12.22 -17.27
C PRO D 38 10.54 -10.82 -16.90
N ASP D 39 10.98 -9.81 -17.65
CA ASP D 39 10.63 -8.43 -17.36
C ASP D 39 9.21 -8.09 -17.82
N GLN D 40 8.55 -9.05 -18.45
CA GLN D 40 7.17 -8.89 -18.87
C GLN D 40 6.26 -9.80 -18.05
N GLN D 41 6.86 -10.50 -17.08
CA GLN D 41 6.11 -11.41 -16.23
C GLN D 41 5.85 -10.79 -14.87
N ARG D 42 4.69 -11.12 -14.30
CA ARG D 42 4.43 -10.86 -12.89
C ARG D 42 3.84 -12.11 -12.26
N LEU D 43 4.35 -12.50 -11.10
CA LEU D 43 3.87 -13.69 -10.42
C LEU D 43 3.01 -13.33 -9.22
N ILE D 44 1.85 -13.95 -9.12
CA ILE D 44 0.93 -13.71 -8.01
C ILE D 44 0.73 -14.96 -7.18
N PHE D 45 0.91 -14.84 -5.87
CA PHE D 45 0.74 -15.97 -4.97
C PHE D 45 0.27 -15.49 -3.59
N ALA D 46 -0.79 -16.12 -3.09
CA ALA D 46 -1.36 -15.80 -1.78
C ALA D 46 -1.70 -14.31 -1.65
N GLY D 47 -2.36 -13.78 -2.68
CA GLY D 47 -2.82 -12.40 -2.65
C GLY D 47 -1.73 -11.34 -2.75
N ARG D 48 -0.52 -11.76 -3.12
CA ARG D 48 0.60 -10.82 -3.25
C ARG D 48 1.29 -10.95 -4.59
N GLN D 49 1.89 -9.86 -5.05
CA GLN D 49 2.74 -9.87 -6.23
C GLN D 49 4.17 -10.14 -5.78
N LEU D 50 4.82 -11.11 -6.42
CA LEU D 50 6.13 -11.58 -5.96
C LEU D 50 7.27 -10.71 -6.50
N GLU D 51 8.12 -10.25 -5.59
CA GLU D 51 9.25 -9.39 -5.94
C GLU D 51 10.46 -10.21 -6.40
N ASP D 52 11.10 -9.75 -7.47
CA ASP D 52 12.17 -10.49 -8.13
C ASP D 52 13.36 -10.81 -7.23
N GLY D 53 13.70 -9.88 -6.35
CA GLY D 53 14.90 -10.01 -5.52
C GLY D 53 14.79 -11.06 -4.43
N ARG D 54 13.56 -11.36 -4.01
CA ARG D 54 13.34 -12.26 -2.88
C ARG D 54 13.31 -13.72 -3.33
N THR D 55 13.39 -14.63 -2.37
CA THR D 55 13.41 -16.07 -2.69
C THR D 55 12.05 -16.73 -2.43
N LEU D 56 11.93 -17.99 -2.85
CA LEU D 56 10.71 -18.75 -2.65
C LEU D 56 10.46 -19.00 -1.17
N SER D 57 11.55 -19.22 -0.43
CA SER D 57 11.47 -19.44 1.02
C SER D 57 10.96 -18.19 1.73
N ASP D 58 11.31 -17.03 1.18
CA ASP D 58 10.85 -15.76 1.74
C ASP D 58 9.33 -15.66 1.76
N TYR D 59 8.70 -16.27 0.75
CA TYR D 59 7.24 -16.27 0.64
C TYR D 59 6.64 -17.57 1.11
N ASN D 60 7.49 -18.41 1.72
CA ASN D 60 7.09 -19.73 2.19
C ASN D 60 6.44 -20.56 1.08
N ILE D 61 6.89 -20.35 -0.15
CA ILE D 61 6.41 -21.13 -1.28
C ILE D 61 7.02 -22.52 -1.19
N GLN D 62 6.16 -23.52 -1.03
CA GLN D 62 6.61 -24.88 -0.77
C GLN D 62 6.35 -25.83 -1.93
N LYS D 63 6.55 -27.12 -1.66
CA LYS D 63 6.33 -28.18 -2.63
C LYS D 63 4.90 -28.17 -3.16
N GLU D 64 4.76 -28.27 -4.48
CA GLU D 64 3.47 -28.34 -5.17
C GLU D 64 2.60 -27.09 -4.96
N SER D 65 3.24 -25.96 -4.67
CA SER D 65 2.51 -24.69 -4.63
C SER D 65 2.20 -24.21 -6.05
N THR D 66 1.14 -23.42 -6.19
CA THR D 66 0.73 -22.93 -7.50
C THR D 66 0.82 -21.42 -7.61
N LEU D 67 1.75 -20.94 -8.45
CA LEU D 67 1.89 -19.52 -8.72
C LEU D 67 1.02 -19.13 -9.92
N HIS D 68 0.72 -17.84 -10.04
CA HIS D 68 -0.10 -17.36 -11.14
C HIS D 68 0.64 -16.31 -11.98
N LEU D 69 0.82 -16.61 -13.25
CA LEU D 69 1.50 -15.73 -14.18
C LEU D 69 0.53 -14.73 -14.82
N VAL D 70 0.88 -13.46 -14.77
CA VAL D 70 0.14 -12.42 -15.50
C VAL D 70 1.09 -11.58 -16.33
N LEU D 71 0.57 -11.01 -17.42
CA LEU D 71 1.36 -10.22 -18.35
C LEU D 71 1.48 -8.76 -17.91
N ARG D 72 2.70 -8.24 -17.94
CA ARG D 72 2.96 -6.85 -17.58
C ARG D 72 2.22 -5.89 -18.49
N LEU D 73 1.53 -4.93 -17.91
CA LEU D 73 0.79 -3.95 -18.68
C LEU D 73 1.70 -2.85 -19.23
N ARG D 74 2.51 -2.26 -18.36
CA ARG D 74 3.38 -1.15 -18.74
C ARG D 74 4.51 -1.60 -19.67
N GLY D 75 5.32 -0.64 -20.09
CA GLY D 75 6.43 -0.93 -20.99
C GLY D 75 7.77 -0.96 -20.28
N GLY D 76 8.84 -0.87 -21.06
CA GLY D 76 10.18 -0.89 -20.51
C GLY D 76 10.49 0.32 -19.65
N MET E 5 15.10 26.77 -5.68
CA MET E 5 15.92 25.61 -5.99
C MET E 5 17.37 25.83 -5.55
N LEU E 6 17.87 24.93 -4.72
CA LEU E 6 19.25 25.00 -4.25
C LEU E 6 20.07 23.81 -4.73
N PRO E 7 21.40 23.99 -4.88
CA PRO E 7 22.30 22.91 -5.29
C PRO E 7 22.20 21.70 -4.37
N GLU E 8 22.05 21.95 -3.09
CA GLU E 8 21.96 20.90 -2.08
C GLU E 8 20.74 20.00 -2.29
N ARG E 9 19.67 20.58 -2.83
CA ARG E 9 18.45 19.83 -3.10
C ARG E 9 18.65 18.77 -4.18
N LEU E 10 19.38 19.15 -5.23
CA LEU E 10 19.63 18.26 -6.36
C LEU E 10 20.59 17.12 -6.00
N GLU E 11 21.53 17.43 -5.12
CA GLU E 11 22.64 16.53 -4.79
C GLU E 11 22.35 15.59 -3.61
N SER E 12 21.32 15.91 -2.84
CA SER E 12 21.08 15.17 -1.60
C SER E 12 20.49 13.79 -1.86
N GLU E 13 21.10 12.80 -1.22
CA GLU E 13 20.84 11.36 -1.43
C GLU E 13 21.19 10.85 -2.82
N SER E 14 21.59 11.75 -3.72
CA SER E 14 21.99 11.34 -5.07
C SER E 14 23.36 10.66 -5.00
N GLY E 15 23.71 9.94 -6.06
CA GLY E 15 25.03 9.33 -6.14
C GLY E 15 25.05 8.01 -6.88
N HIS E 16 25.35 6.94 -6.16
CA HIS E 16 25.47 5.62 -6.78
C HIS E 16 24.43 4.64 -6.28
N LEU E 17 23.64 5.06 -5.30
CA LEU E 17 22.55 4.22 -4.79
C LEU E 17 21.30 4.49 -5.62
N ARG E 18 20.77 5.70 -5.49
CA ARG E 18 19.62 6.12 -6.29
C ARG E 18 20.04 6.46 -7.71
N GLU E 19 20.55 5.46 -8.43
CA GLU E 19 20.92 5.64 -9.83
C GLU E 19 19.74 6.05 -10.70
N ALA E 20 18.73 5.19 -10.78
CA ALA E 20 17.59 5.39 -11.67
C ALA E 20 16.59 6.40 -11.12
N SER E 21 15.71 6.87 -12.00
CA SER E 21 14.61 7.74 -11.60
C SER E 21 13.56 6.94 -10.82
N ALA E 22 12.85 7.63 -9.94
CA ALA E 22 11.84 7.00 -9.08
C ALA E 22 10.47 7.05 -9.73
N LEU E 23 10.41 7.64 -10.93
CA LEU E 23 9.14 7.86 -11.62
C LEU E 23 8.73 6.74 -12.57
N LEU E 24 7.42 6.59 -12.72
CA LEU E 24 6.82 5.70 -13.72
C LEU E 24 6.89 6.41 -15.06
N PRO E 25 7.25 5.68 -16.13
CA PRO E 25 7.42 6.35 -17.41
C PRO E 25 6.16 7.08 -17.87
N THR E 26 6.34 8.38 -18.08
CA THR E 26 5.28 9.27 -18.52
C THR E 26 5.80 10.12 -19.67
N THR E 27 4.91 10.52 -20.57
CA THR E 27 5.33 11.33 -21.71
C THR E 27 5.24 12.81 -21.34
N GLU E 28 4.83 13.08 -20.10
CA GLU E 28 4.59 14.43 -19.63
C GLU E 28 5.85 15.30 -19.61
N HIS E 29 7.00 14.69 -19.40
CA HIS E 29 8.24 15.46 -19.22
C HIS E 29 9.31 15.15 -20.26
N ASP E 30 8.90 14.60 -21.40
CA ASP E 30 9.83 14.29 -22.48
C ASP E 30 10.48 15.55 -23.02
N ASP E 31 9.68 16.61 -23.17
CA ASP E 31 10.17 17.89 -23.69
C ASP E 31 11.31 18.44 -22.84
N LEU E 32 11.12 18.48 -21.53
CA LEU E 32 12.13 18.96 -20.61
C LEU E 32 13.33 18.03 -20.55
N LEU E 33 13.07 16.73 -20.56
CA LEU E 33 14.12 15.71 -20.47
C LEU E 33 15.12 15.79 -21.63
N VAL E 34 14.60 16.00 -22.83
CA VAL E 34 15.43 16.11 -24.03
C VAL E 34 16.30 17.37 -23.99
N GLU E 35 15.68 18.46 -23.54
CA GLU E 35 16.34 19.75 -23.41
C GLU E 35 17.50 19.65 -22.43
N MET E 36 17.27 18.94 -21.33
CA MET E 36 18.29 18.71 -20.33
C MET E 36 19.43 17.86 -20.87
N ARG E 37 19.08 16.82 -21.62
CA ARG E 37 20.07 15.93 -22.20
C ARG E 37 20.97 16.66 -23.19
N ASN E 38 20.35 17.46 -24.05
CA ASN E 38 21.08 18.17 -25.09
C ASN E 38 22.02 19.23 -24.51
N PHE E 39 21.62 19.82 -23.39
CA PHE E 39 22.48 20.79 -22.72
C PHE E 39 23.72 20.15 -22.15
N ILE E 40 23.53 19.07 -21.39
CA ILE E 40 24.63 18.35 -20.76
C ILE E 40 25.54 17.73 -21.81
N ALA E 41 24.96 17.32 -22.92
CA ALA E 41 25.72 16.71 -24.00
C ALA E 41 26.58 17.70 -24.77
N PHE E 42 25.98 18.84 -25.14
CA PHE E 42 26.63 19.73 -26.10
C PHE E 42 26.86 21.17 -25.62
N GLN E 43 26.11 21.60 -24.61
CA GLN E 43 26.05 23.03 -24.29
C GLN E 43 26.76 23.44 -23.00
N ALA E 44 27.34 22.48 -22.29
CA ALA E 44 28.08 22.79 -21.07
C ALA E 44 29.57 23.04 -21.36
N HIS E 45 30.34 23.32 -20.31
CA HIS E 45 31.77 23.57 -20.47
C HIS E 45 32.50 22.34 -21.00
N THR E 46 32.12 21.17 -20.49
CA THR E 46 32.69 19.91 -20.94
C THR E 46 31.60 19.04 -21.56
N ASP E 47 31.92 18.38 -22.67
CA ASP E 47 30.96 17.52 -23.35
C ASP E 47 30.53 16.35 -22.46
N GLY E 48 29.23 16.12 -22.40
CA GLY E 48 28.68 14.97 -21.69
C GLY E 48 28.60 15.09 -20.18
N GLN E 49 28.90 16.28 -19.65
CA GLN E 49 28.83 16.47 -18.20
C GLN E 49 28.62 17.94 -17.82
N ALA E 50 28.03 18.15 -16.64
CA ALA E 50 27.77 19.49 -16.12
C ALA E 50 27.68 19.48 -14.60
N SER E 51 28.19 20.54 -13.97
CA SER E 51 28.10 20.68 -12.52
C SER E 51 26.67 21.08 -12.14
N THR E 52 26.34 20.94 -10.86
CA THR E 52 25.00 21.30 -10.39
C THR E 52 24.69 22.77 -10.63
N ARG E 53 25.67 23.63 -10.39
CA ARG E 53 25.49 25.07 -10.59
C ARG E 53 25.31 25.41 -12.07
N GLU E 54 26.03 24.71 -12.96
CA GLU E 54 25.85 24.90 -14.40
C GLU E 54 24.41 24.59 -14.80
N ILE E 55 23.90 23.46 -14.32
CA ILE E 55 22.55 23.01 -14.64
C ILE E 55 21.51 23.96 -14.08
N LEU E 56 21.70 24.39 -12.83
CA LEU E 56 20.79 25.34 -12.21
C LEU E 56 20.79 26.68 -12.93
N GLN E 57 21.98 27.19 -13.22
CA GLN E 57 22.12 28.47 -13.92
C GLN E 57 21.40 28.45 -15.27
N GLU E 58 21.31 27.26 -15.86
CA GLU E 58 20.69 27.09 -17.16
C GLU E 58 19.17 26.94 -17.09
N PHE E 59 18.67 26.24 -16.07
CA PHE E 59 17.26 25.82 -16.08
C PHE E 59 16.36 26.46 -15.02
N GLU E 60 16.95 26.89 -13.90
CA GLU E 60 16.15 27.36 -12.75
C GLU E 60 15.18 28.50 -13.08
N SER E 61 15.56 29.35 -14.03
CA SER E 61 14.74 30.51 -14.37
C SER E 61 13.56 30.16 -15.27
N LYS E 62 13.67 29.04 -15.99
CA LYS E 62 12.64 28.68 -16.97
C LYS E 62 11.74 27.54 -16.50
N LEU E 63 11.99 27.01 -15.31
CA LEU E 63 11.20 25.91 -14.78
C LEU E 63 9.92 26.37 -14.10
N SER E 64 8.82 25.67 -14.34
CA SER E 64 7.57 25.92 -13.65
C SER E 64 7.54 25.20 -12.31
N ALA E 65 6.45 25.37 -11.57
CA ALA E 65 6.29 24.74 -10.26
C ALA E 65 6.31 23.22 -10.38
N SER E 66 5.52 22.69 -11.32
CA SER E 66 5.40 21.25 -11.51
C SER E 66 6.71 20.63 -12.02
N GLN E 67 7.44 21.36 -12.85
CA GLN E 67 8.70 20.87 -13.39
C GLN E 67 9.78 20.81 -12.31
N SER E 68 9.75 21.75 -11.37
CA SER E 68 10.70 21.79 -10.27
C SER E 68 10.57 20.55 -9.39
N CYS E 69 9.35 20.03 -9.28
CA CYS E 69 9.07 18.86 -8.47
C CYS E 69 9.80 17.60 -8.98
N VAL E 70 9.91 17.48 -10.29
CA VAL E 70 10.44 16.26 -10.90
C VAL E 70 11.83 16.45 -11.49
N PHE E 71 12.38 17.66 -11.36
CA PHE E 71 13.63 18.02 -12.00
C PHE E 71 14.79 17.12 -11.58
N ARG E 72 14.91 16.85 -10.28
CA ARG E 72 15.99 16.01 -9.78
C ARG E 72 15.86 14.57 -10.27
N GLU E 73 14.62 14.08 -10.36
CA GLU E 73 14.37 12.72 -10.83
C GLU E 73 14.72 12.59 -12.31
N LEU E 74 14.44 13.63 -13.08
CA LEU E 74 14.81 13.65 -14.49
C LEU E 74 16.31 13.69 -14.66
N LEU E 75 16.98 14.40 -13.76
CA LEU E 75 18.44 14.50 -13.77
C LEU E 75 19.10 13.17 -13.43
N ARG E 76 18.56 12.46 -12.45
CA ARG E 76 19.09 11.15 -12.08
C ARG E 76 18.77 10.12 -13.16
N ASN E 77 17.71 10.37 -13.93
CA ASN E 77 17.38 9.56 -15.09
C ASN E 77 18.52 9.65 -16.11
N LEU E 78 18.98 10.87 -16.36
CA LEU E 78 19.96 11.13 -17.40
C LEU E 78 21.40 10.86 -16.95
N CYS E 79 21.70 11.17 -15.70
CA CYS E 79 23.09 11.21 -15.26
C CYS E 79 23.38 10.41 -14.00
N THR E 80 24.64 10.01 -13.86
CA THR E 80 25.15 9.50 -12.59
C THR E 80 25.78 10.69 -11.85
N PHE E 81 25.73 10.67 -10.52
CA PHE E 81 26.23 11.79 -9.75
C PHE E 81 27.65 11.54 -9.21
N HIS E 82 28.48 12.57 -9.30
CA HIS E 82 29.87 12.47 -8.87
C HIS E 82 30.30 13.72 -8.09
N ARG E 83 31.24 13.54 -7.17
CA ARG E 83 31.79 14.64 -6.39
C ARG E 83 33.29 14.80 -6.60
N THR E 84 33.71 16.01 -6.95
CA THR E 84 35.13 16.31 -7.13
C THR E 84 35.85 16.22 -5.79
N SER E 85 37.17 16.35 -5.80
CA SER E 85 37.94 16.31 -4.56
C SER E 85 37.58 17.48 -3.65
N GLY E 86 37.05 18.55 -4.25
CA GLY E 86 36.62 19.70 -3.49
C GLY E 86 35.21 19.60 -2.97
N GLY E 87 34.47 18.60 -3.46
CA GLY E 87 33.11 18.37 -2.99
C GLY E 87 32.06 18.95 -3.91
N GLU E 88 32.45 19.30 -5.13
CA GLU E 88 31.51 19.86 -6.10
C GLU E 88 30.81 18.74 -6.86
N GLY E 89 29.49 18.85 -6.97
CA GLY E 89 28.69 17.86 -7.65
C GLY E 89 28.73 17.94 -9.16
N ILE E 90 29.12 16.84 -9.78
CA ILE E 90 29.22 16.77 -11.24
C ILE E 90 28.27 15.69 -11.77
N TRP E 91 27.44 16.07 -12.75
CA TRP E 91 26.53 15.13 -13.38
C TRP E 91 27.02 14.71 -14.76
N LYS E 92 27.28 13.42 -14.93
CA LYS E 92 27.76 12.89 -16.21
C LYS E 92 26.69 12.03 -16.87
N LEU E 93 26.40 12.31 -18.14
CA LEU E 93 25.41 11.55 -18.90
C LEU E 93 25.70 10.05 -18.92
N LYS E 94 24.67 9.27 -18.64
CA LYS E 94 24.73 7.82 -18.76
C LYS E 94 24.98 7.42 -20.20
N PRO E 95 25.66 6.29 -20.43
CA PRO E 95 26.02 5.82 -21.77
C PRO E 95 24.80 5.66 -22.68
N GLU E 96 23.63 5.45 -22.09
CA GLU E 96 22.40 5.27 -22.85
C GLU E 96 21.99 6.57 -23.55
N TYR E 97 22.47 7.69 -23.01
CA TYR E 97 22.10 9.01 -23.54
C TYR E 97 23.25 9.70 -24.27
N CYS E 98 24.35 8.99 -24.47
CA CYS E 98 25.50 9.55 -25.17
C CYS E 98 25.48 9.20 -26.65
N MET F 1 -0.22 2.32 -37.88
CA MET F 1 -0.67 3.43 -37.05
C MET F 1 0.22 4.65 -37.24
N GLN F 2 -0.27 5.80 -36.79
CA GLN F 2 0.44 7.07 -36.92
C GLN F 2 1.14 7.46 -35.64
N ILE F 3 2.43 7.77 -35.74
CA ILE F 3 3.15 8.36 -34.62
C ILE F 3 3.84 9.64 -35.05
N PHE F 4 4.25 10.45 -34.07
CA PHE F 4 4.92 11.70 -34.35
C PHE F 4 6.36 11.65 -33.85
N VAL F 5 7.26 12.33 -34.56
CA VAL F 5 8.65 12.42 -34.13
C VAL F 5 9.12 13.86 -34.15
N LYS F 6 9.55 14.36 -32.99
CA LYS F 6 10.16 15.68 -32.91
C LYS F 6 11.61 15.62 -33.38
N THR F 7 11.94 16.41 -34.38
CA THR F 7 13.28 16.39 -34.97
C THR F 7 14.24 17.23 -34.14
N LEU F 8 15.45 17.41 -34.64
CA LEU F 8 16.47 18.16 -33.92
C LEU F 8 16.12 19.63 -33.81
N THR F 9 15.39 20.14 -34.79
CA THR F 9 15.02 21.55 -34.83
C THR F 9 13.74 21.82 -34.05
N GLY F 10 13.06 20.76 -33.64
CA GLY F 10 11.83 20.92 -32.87
C GLY F 10 10.57 20.72 -33.70
N LYS F 11 10.74 20.60 -35.02
CA LYS F 11 9.61 20.38 -35.91
C LYS F 11 9.06 18.95 -35.80
N THR F 12 7.79 18.79 -36.13
CA THR F 12 7.13 17.50 -36.01
C THR F 12 6.95 16.82 -37.36
N ILE F 13 7.34 15.55 -37.45
CA ILE F 13 7.12 14.75 -38.65
C ILE F 13 6.19 13.59 -38.32
N THR F 14 5.62 12.97 -39.36
CA THR F 14 4.69 11.86 -39.16
C THR F 14 5.20 10.55 -39.77
N LEU F 15 5.11 9.48 -38.99
CA LEU F 15 5.50 8.15 -39.47
C LEU F 15 4.31 7.20 -39.42
N GLU F 16 4.24 6.28 -40.38
CA GLU F 16 3.27 5.21 -40.34
C GLU F 16 3.97 3.93 -39.91
N VAL F 17 3.62 3.43 -38.73
CA VAL F 17 4.32 2.30 -38.14
C VAL F 17 3.36 1.22 -37.64
N GLU F 18 3.93 0.07 -37.30
CA GLU F 18 3.19 -1.01 -36.69
C GLU F 18 3.77 -1.33 -35.31
N PRO F 19 2.92 -1.77 -34.37
CA PRO F 19 3.37 -2.12 -33.02
C PRO F 19 4.48 -3.18 -32.99
N SER F 20 4.56 -3.99 -34.04
CA SER F 20 5.55 -5.05 -34.12
C SER F 20 6.87 -4.57 -34.71
N ASP F 21 6.89 -3.34 -35.20
CA ASP F 21 8.10 -2.75 -35.76
C ASP F 21 9.17 -2.55 -34.69
N THR F 22 10.41 -2.88 -35.02
CA THR F 22 11.51 -2.65 -34.09
C THR F 22 11.91 -1.18 -34.12
N ILE F 23 12.58 -0.73 -33.06
CA ILE F 23 13.05 0.65 -32.97
C ILE F 23 14.03 0.95 -34.10
N GLU F 24 14.81 -0.05 -34.48
CA GLU F 24 15.75 0.06 -35.58
C GLU F 24 15.05 0.40 -36.89
N ASN F 25 13.88 -0.21 -37.10
CA ASN F 25 13.07 0.06 -38.29
C ASN F 25 12.59 1.50 -38.34
N VAL F 26 12.18 2.03 -37.18
CA VAL F 26 11.68 3.39 -37.08
C VAL F 26 12.78 4.40 -37.40
N LYS F 27 13.98 4.14 -36.90
CA LYS F 27 15.13 5.00 -37.16
C LYS F 27 15.49 5.03 -38.64
N ALA F 28 15.23 3.93 -39.34
CA ALA F 28 15.47 3.86 -40.77
C ALA F 28 14.55 4.81 -41.53
N LYS F 29 13.30 4.90 -41.08
CA LYS F 29 12.34 5.81 -41.69
C LYS F 29 12.68 7.26 -41.38
N ILE F 30 13.26 7.50 -40.21
CA ILE F 30 13.68 8.83 -39.82
C ILE F 30 14.83 9.29 -40.72
N GLN F 31 15.71 8.36 -41.07
CA GLN F 31 16.83 8.65 -41.96
C GLN F 31 16.34 9.15 -43.33
N ASP F 32 15.29 8.52 -43.85
CA ASP F 32 14.72 8.90 -45.14
C ASP F 32 14.18 10.33 -45.14
N LYS F 33 13.69 10.78 -43.99
CA LYS F 33 13.07 12.09 -43.88
C LYS F 33 14.01 13.16 -43.34
N GLU F 34 14.97 12.75 -42.51
CA GLU F 34 15.84 13.72 -41.83
C GLU F 34 17.29 13.64 -42.27
N GLY F 35 17.66 12.56 -42.93
CA GLY F 35 19.01 12.40 -43.45
C GLY F 35 20.02 12.02 -42.38
N ILE F 36 19.52 11.58 -41.23
CA ILE F 36 20.39 11.13 -40.15
C ILE F 36 20.43 9.61 -40.06
N PRO F 37 21.62 9.01 -40.23
CA PRO F 37 21.81 7.56 -40.13
C PRO F 37 21.45 7.04 -38.75
N PRO F 38 20.86 5.83 -38.67
CA PRO F 38 20.38 5.21 -37.43
C PRO F 38 21.45 5.13 -36.32
N ASP F 39 22.71 4.95 -36.69
CA ASP F 39 23.78 4.83 -35.71
C ASP F 39 24.14 6.19 -35.11
N GLN F 40 23.51 7.24 -35.60
CA GLN F 40 23.70 8.59 -35.06
C GLN F 40 22.44 9.07 -34.37
N GLN F 41 21.43 8.20 -34.32
CA GLN F 41 20.16 8.54 -33.70
C GLN F 41 19.98 7.91 -32.33
N ARG F 42 19.32 8.63 -31.43
CA ARG F 42 18.79 8.04 -30.21
C ARG F 42 17.35 8.53 -30.04
N LEU F 43 16.46 7.61 -29.72
CA LEU F 43 15.05 7.96 -29.57
C LEU F 43 14.64 7.96 -28.10
N ILE F 44 13.96 9.03 -27.69
CA ILE F 44 13.50 9.17 -26.32
C ILE F 44 11.98 9.20 -26.26
N PHE F 45 11.42 8.35 -25.41
CA PHE F 45 9.97 8.28 -25.23
C PHE F 45 9.62 7.84 -23.82
N ALA F 46 8.74 8.60 -23.17
CA ALA F 46 8.28 8.30 -21.83
C ALA F 46 9.44 8.14 -20.85
N GLY F 47 10.39 9.06 -20.90
CA GLY F 47 11.51 9.06 -19.98
C GLY F 47 12.50 7.94 -20.22
N LYS F 48 12.44 7.33 -21.40
CA LYS F 48 13.34 6.22 -21.73
C LYS F 48 14.07 6.44 -23.04
N GLN F 49 15.26 5.88 -23.15
CA GLN F 49 15.97 5.82 -24.43
C GLN F 49 15.67 4.48 -25.07
N LEU F 50 15.26 4.50 -26.33
CA LEU F 50 14.75 3.28 -26.98
C LEU F 50 15.85 2.42 -27.57
N GLU F 51 15.86 1.14 -27.20
CA GLU F 51 16.85 0.20 -27.69
C GLU F 51 16.44 -0.40 -29.03
N ASP F 52 17.39 -0.50 -29.95
CA ASP F 52 17.11 -0.93 -31.32
C ASP F 52 16.48 -2.31 -31.41
N GLY F 53 16.87 -3.21 -30.51
CA GLY F 53 16.42 -4.58 -30.57
C GLY F 53 14.95 -4.79 -30.21
N ARG F 54 14.39 -3.88 -29.44
CA ARG F 54 13.01 -4.04 -28.98
C ARG F 54 12.01 -3.45 -29.98
N THR F 55 10.74 -3.77 -29.77
CA THR F 55 9.67 -3.31 -30.65
C THR F 55 8.93 -2.13 -30.04
N LEU F 56 8.04 -1.53 -30.83
CA LEU F 56 7.24 -0.39 -30.37
C LEU F 56 6.26 -0.79 -29.26
N SER F 57 5.71 -2.00 -29.35
CA SER F 57 4.78 -2.49 -28.34
C SER F 57 5.45 -2.65 -26.98
N ASP F 58 6.73 -3.01 -26.99
CA ASP F 58 7.50 -3.17 -25.76
C ASP F 58 7.54 -1.87 -24.95
N TYR F 59 7.50 -0.74 -25.63
CA TYR F 59 7.53 0.56 -24.96
C TYR F 59 6.13 1.18 -24.90
N ASN F 60 5.12 0.39 -25.22
CA ASN F 60 3.72 0.86 -25.25
C ASN F 60 3.51 2.10 -26.12
N ILE F 61 4.27 2.19 -27.20
CA ILE F 61 4.09 3.28 -28.15
C ILE F 61 2.82 3.04 -28.96
N GLN F 62 1.86 3.95 -28.83
CA GLN F 62 0.55 3.78 -29.44
C GLN F 62 0.29 4.79 -30.55
N LYS F 63 -0.95 4.83 -31.02
CA LYS F 63 -1.37 5.78 -32.06
C LYS F 63 -1.14 7.21 -31.59
N GLU F 64 -0.55 8.02 -32.47
CA GLU F 64 -0.32 9.44 -32.21
C GLU F 64 0.59 9.69 -31.02
N SER F 65 1.44 8.72 -30.69
CA SER F 65 2.47 8.91 -29.69
C SER F 65 3.57 9.79 -30.27
N THR F 66 4.29 10.49 -29.41
CA THR F 66 5.35 11.39 -29.87
C THR F 66 6.73 10.94 -29.38
N LEU F 67 7.57 10.51 -30.32
CA LEU F 67 8.95 10.15 -29.99
C LEU F 67 9.83 11.39 -30.10
N HIS F 68 10.98 11.34 -29.44
CA HIS F 68 11.89 12.48 -29.46
C HIS F 68 13.26 12.08 -29.99
N LEU F 69 13.65 12.73 -31.08
CA LEU F 69 14.94 12.46 -31.70
C LEU F 69 16.05 13.33 -31.10
N VAL F 70 17.13 12.70 -30.68
CA VAL F 70 18.32 13.42 -30.25
C VAL F 70 19.52 12.88 -31.01
N LEU F 71 20.53 13.72 -31.19
CA LEU F 71 21.71 13.29 -31.93
C LEU F 71 22.68 12.60 -30.99
N ARG F 72 23.09 11.38 -31.36
CA ARG F 72 24.00 10.59 -30.57
C ARG F 72 25.38 11.26 -30.50
N LEU F 73 25.91 11.36 -29.28
CA LEU F 73 27.20 12.01 -29.03
C LEU F 73 28.39 11.14 -29.43
N ARG F 74 29.40 11.77 -30.03
CA ARG F 74 30.58 11.04 -30.49
C ARG F 74 31.42 10.54 -29.32
N GLU G 19 -5.94 -18.41 17.79
CA GLU G 19 -5.17 -17.23 17.40
C GLU G 19 -6.06 -15.99 17.33
N ALA G 20 -5.53 -14.92 16.75
CA ALA G 20 -6.24 -13.64 16.68
C ALA G 20 -7.25 -13.65 15.53
N SER G 21 -8.30 -12.84 15.66
CA SER G 21 -9.23 -12.65 14.55
C SER G 21 -8.54 -11.82 13.48
N ALA G 22 -9.03 -11.90 12.25
CA ALA G 22 -8.42 -11.16 11.14
C ALA G 22 -9.09 -9.79 10.99
N LEU G 23 -10.08 -9.56 11.83
CA LEU G 23 -10.86 -8.33 11.77
C LEU G 23 -10.33 -7.27 12.73
N LEU G 24 -10.50 -6.01 12.36
CA LEU G 24 -10.23 -4.90 13.27
C LEU G 24 -11.44 -4.77 14.18
N PRO G 25 -11.21 -4.60 15.48
CA PRO G 25 -12.32 -4.56 16.44
C PRO G 25 -13.32 -3.45 16.14
N THR G 26 -14.58 -3.86 15.96
CA THR G 26 -15.69 -2.98 15.67
C THR G 26 -16.90 -3.31 16.55
N THR G 27 -17.77 -2.32 16.78
CA THR G 27 -18.95 -2.55 17.60
C THR G 27 -20.11 -3.03 16.74
N GLU G 28 -19.83 -3.20 15.44
CA GLU G 28 -20.85 -3.57 14.47
C GLU G 28 -21.47 -4.93 14.74
N HIS G 29 -20.68 -5.83 15.34
CA HIS G 29 -21.12 -7.21 15.56
C HIS G 29 -21.07 -7.62 17.02
N ASP G 30 -21.13 -6.64 17.93
CA ASP G 30 -21.10 -6.93 19.37
C ASP G 30 -22.27 -7.80 19.81
N ASP G 31 -23.46 -7.50 19.29
CA ASP G 31 -24.67 -8.25 19.63
C ASP G 31 -24.53 -9.72 19.29
N LEU G 32 -24.08 -10.00 18.07
CA LEU G 32 -23.91 -11.38 17.61
C LEU G 32 -22.77 -12.07 18.37
N LEU G 33 -21.70 -11.33 18.62
CA LEU G 33 -20.53 -11.85 19.31
C LEU G 33 -20.89 -12.35 20.71
N VAL G 34 -21.74 -11.60 21.40
CA VAL G 34 -22.18 -11.97 22.74
C VAL G 34 -23.04 -13.23 22.71
N GLU G 35 -23.95 -13.31 21.74
CA GLU G 35 -24.80 -14.49 21.58
C GLU G 35 -23.95 -15.73 21.30
N MET G 36 -22.91 -15.55 20.49
CA MET G 36 -21.98 -16.63 20.19
C MET G 36 -21.22 -17.05 21.45
N ARG G 37 -20.80 -16.06 22.23
CA ARG G 37 -20.06 -16.31 23.47
C ARG G 37 -20.93 -17.08 24.47
N ASN G 38 -22.16 -16.62 24.64
CA ASN G 38 -23.08 -17.22 25.61
C ASN G 38 -23.50 -18.64 25.24
N PHE G 39 -23.61 -18.92 23.95
CA PHE G 39 -23.96 -20.26 23.50
C PHE G 39 -22.85 -21.26 23.83
N ILE G 40 -21.63 -20.91 23.44
CA ILE G 40 -20.47 -21.77 23.67
C ILE G 40 -20.20 -21.94 25.16
N ALA G 41 -20.50 -20.89 25.93
CA ALA G 41 -20.26 -20.92 27.37
C ALA G 41 -21.25 -21.79 28.14
N PHE G 42 -22.54 -21.65 27.84
CA PHE G 42 -23.56 -22.26 28.69
C PHE G 42 -24.50 -23.22 27.96
N GLN G 43 -24.61 -23.10 26.65
CA GLN G 43 -25.70 -23.76 25.94
C GLN G 43 -25.24 -24.96 25.09
N ALA G 44 -23.95 -25.26 25.12
CA ALA G 44 -23.45 -26.41 24.38
C ALA G 44 -23.45 -27.65 25.28
N HIS G 45 -23.05 -28.78 24.71
CA HIS G 45 -23.00 -30.04 25.46
C HIS G 45 -21.99 -29.94 26.60
N THR G 46 -20.85 -29.33 26.31
CA THR G 46 -19.81 -29.13 27.32
C THR G 46 -19.59 -27.64 27.55
N ASP G 47 -19.44 -27.25 28.81
CA ASP G 47 -19.21 -25.86 29.18
C ASP G 47 -17.90 -25.30 28.61
N GLY G 48 -17.98 -24.11 28.02
CA GLY G 48 -16.80 -23.42 27.56
C GLY G 48 -16.27 -23.89 26.21
N GLN G 49 -16.99 -24.77 25.55
CA GLN G 49 -16.57 -25.26 24.24
C GLN G 49 -17.74 -25.75 23.40
N ALA G 50 -17.56 -25.74 22.09
CA ALA G 50 -18.58 -26.21 21.16
C ALA G 50 -17.94 -26.67 19.86
N SER G 51 -18.46 -27.76 19.29
CA SER G 51 -17.98 -28.26 18.01
C SER G 51 -18.51 -27.38 16.88
N THR G 52 -17.92 -27.53 15.69
CA THR G 52 -18.34 -26.77 14.52
C THR G 52 -19.80 -27.08 14.18
N ARG G 53 -20.18 -28.35 14.29
CA ARG G 53 -21.54 -28.77 13.97
C ARG G 53 -22.55 -28.15 14.93
N GLU G 54 -22.19 -28.08 16.21
CA GLU G 54 -23.04 -27.46 17.22
C GLU G 54 -23.32 -25.99 16.91
N ILE G 55 -22.25 -25.26 16.61
CA ILE G 55 -22.35 -23.82 16.33
C ILE G 55 -23.12 -23.53 15.04
N LEU G 56 -22.83 -24.30 13.99
CA LEU G 56 -23.52 -24.15 12.71
C LEU G 56 -25.00 -24.45 12.85
N GLN G 57 -25.31 -25.55 13.53
CA GLN G 57 -26.69 -25.97 13.77
C GLN G 57 -27.47 -24.88 14.52
N GLU G 58 -26.76 -24.11 15.32
CA GLU G 58 -27.37 -23.08 16.15
C GLU G 58 -27.58 -21.75 15.41
N PHE G 59 -26.63 -21.37 14.55
CA PHE G 59 -26.60 -20.02 14.02
C PHE G 59 -26.87 -19.85 12.52
N GLU G 60 -26.59 -20.90 11.73
CA GLU G 60 -26.63 -20.77 10.27
C GLU G 60 -27.98 -20.28 9.71
N SER G 61 -29.07 -20.64 10.38
CA SER G 61 -30.40 -20.26 9.91
C SER G 61 -30.76 -18.82 10.21
N LYS G 62 -30.12 -18.25 11.23
CA LYS G 62 -30.47 -16.91 11.69
C LYS G 62 -29.46 -15.84 11.28
N LEU G 63 -28.41 -16.23 10.58
CA LEU G 63 -27.37 -15.29 10.14
C LEU G 63 -27.73 -14.58 8.84
N SER G 64 -27.43 -13.29 8.78
CA SER G 64 -27.61 -12.51 7.56
C SER G 64 -26.39 -12.68 6.66
N ALA G 65 -26.42 -12.05 5.49
CA ALA G 65 -25.34 -12.16 4.52
C ALA G 65 -24.02 -11.59 5.07
N SER G 66 -24.09 -10.39 5.65
CA SER G 66 -22.91 -9.74 6.19
C SER G 66 -22.33 -10.49 7.39
N GLN G 67 -23.21 -11.09 8.19
CA GLN G 67 -22.79 -11.83 9.37
C GLN G 67 -22.06 -13.12 9.00
N SER G 68 -22.51 -13.76 7.92
CA SER G 68 -21.88 -15.00 7.46
C SER G 68 -20.43 -14.75 7.03
N CYS G 69 -20.19 -13.57 6.47
CA CYS G 69 -18.86 -13.19 6.00
C CYS G 69 -17.83 -13.14 7.12
N VAL G 70 -18.27 -12.67 8.29
CA VAL G 70 -17.35 -12.43 9.40
C VAL G 70 -17.53 -13.43 10.54
N PHE G 71 -18.44 -14.39 10.35
CA PHE G 71 -18.81 -15.32 11.41
C PHE G 71 -17.63 -16.15 11.91
N ARG G 72 -16.84 -16.68 10.99
CA ARG G 72 -15.69 -17.50 11.34
C ARG G 72 -14.66 -16.68 12.10
N GLU G 73 -14.51 -15.42 11.69
CA GLU G 73 -13.59 -14.51 12.34
C GLU G 73 -14.01 -14.17 13.76
N LEU G 74 -15.33 -14.09 13.99
CA LEU G 74 -15.86 -13.85 15.33
C LEU G 74 -15.50 -15.03 16.23
N LEU G 75 -15.51 -16.23 15.65
CA LEU G 75 -15.15 -17.44 16.36
C LEU G 75 -13.67 -17.41 16.74
N ARG G 76 -12.84 -16.88 15.83
CA ARG G 76 -11.41 -16.80 16.05
C ARG G 76 -11.11 -15.78 17.14
N ASN G 77 -12.00 -14.79 17.26
CA ASN G 77 -11.94 -13.81 18.34
C ASN G 77 -12.19 -14.45 19.70
N LEU G 78 -13.25 -15.27 19.77
CA LEU G 78 -13.70 -15.84 21.04
C LEU G 78 -12.95 -17.08 21.47
N CYS G 79 -12.57 -17.91 20.51
CA CYS G 79 -12.11 -19.27 20.83
C CYS G 79 -10.78 -19.63 20.20
N THR G 80 -10.10 -20.59 20.81
CA THR G 80 -8.97 -21.26 20.17
C THR G 80 -9.51 -22.46 19.42
N PHE G 81 -8.88 -22.81 18.31
CA PHE G 81 -9.37 -23.90 17.47
C PHE G 81 -8.64 -25.21 17.73
N HIS G 82 -9.40 -26.29 17.76
CA HIS G 82 -8.84 -27.61 18.02
C HIS G 82 -9.48 -28.61 17.05
N ARG G 83 -8.72 -29.63 16.68
CA ARG G 83 -9.20 -30.67 15.77
C ARG G 83 -9.14 -32.05 16.41
N THR G 84 -10.27 -32.76 16.43
CA THR G 84 -10.27 -34.12 16.98
C THR G 84 -9.49 -35.10 16.13
N SER G 85 -9.35 -36.31 16.66
CA SER G 85 -8.68 -37.39 15.96
C SER G 85 -9.50 -37.79 14.74
N GLY G 86 -10.80 -37.51 14.79
CA GLY G 86 -11.70 -37.80 13.69
C GLY G 86 -11.78 -36.69 12.66
N GLY G 87 -11.25 -35.53 12.99
CA GLY G 87 -11.21 -34.41 12.06
C GLY G 87 -12.32 -33.39 12.28
N GLU G 88 -13.00 -33.48 13.41
CA GLU G 88 -14.06 -32.55 13.75
C GLU G 88 -13.50 -31.33 14.50
N GLY G 89 -13.91 -30.14 14.08
CA GLY G 89 -13.48 -28.89 14.69
C GLY G 89 -14.18 -28.50 15.99
N ILE G 90 -13.40 -28.30 17.05
CA ILE G 90 -13.93 -27.88 18.34
C ILE G 90 -13.36 -26.54 18.74
N TRP G 91 -14.25 -25.62 19.11
CA TRP G 91 -13.86 -24.28 19.53
C TRP G 91 -13.96 -24.13 21.05
N LYS G 92 -12.84 -23.83 21.70
CA LYS G 92 -12.84 -23.65 23.14
C LYS G 92 -12.65 -22.18 23.47
N LEU G 93 -13.56 -21.64 24.28
CA LEU G 93 -13.53 -20.25 24.68
C LEU G 93 -12.20 -19.84 25.32
N LYS G 94 -11.66 -18.72 24.86
CA LYS G 94 -10.47 -18.14 25.46
C LYS G 94 -10.78 -17.74 26.91
N PRO G 95 -9.77 -17.79 27.79
CA PRO G 95 -9.93 -17.49 29.21
C PRO G 95 -10.48 -16.09 29.48
N GLU G 96 -10.20 -15.16 28.57
CA GLU G 96 -10.68 -13.79 28.70
C GLU G 96 -12.19 -13.69 28.53
N TYR G 97 -12.79 -14.68 27.88
CA TYR G 97 -14.22 -14.66 27.64
C TYR G 97 -14.93 -15.69 28.51
N CYS G 98 -14.18 -16.31 29.42
CA CYS G 98 -14.74 -17.26 30.36
C CYS G 98 -15.05 -16.58 31.69
N MET H 1 -20.84 11.56 31.88
CA MET H 1 -21.55 11.24 30.65
C MET H 1 -22.41 9.98 30.81
N GLN H 2 -23.33 9.78 29.89
CA GLN H 2 -24.25 8.65 29.95
C GLN H 2 -23.87 7.56 28.95
N ILE H 3 -23.77 6.31 29.44
CA ILE H 3 -23.55 5.16 28.57
C ILE H 3 -24.60 4.08 28.78
N PHE H 4 -24.68 3.14 27.84
CA PHE H 4 -25.66 2.06 27.91
C PHE H 4 -25.02 0.69 28.13
N VAL H 5 -25.70 -0.18 28.85
CA VAL H 5 -25.25 -1.55 29.07
C VAL H 5 -26.35 -2.56 28.80
N LYS H 6 -26.11 -3.46 27.85
CA LYS H 6 -27.04 -4.55 27.57
C LYS H 6 -26.86 -5.67 28.60
N THR H 7 -27.92 -6.00 29.31
CA THR H 7 -27.86 -6.98 30.38
C THR H 7 -27.98 -8.40 29.83
N LEU H 8 -28.09 -9.36 30.73
CA LEU H 8 -28.17 -10.77 30.36
C LEU H 8 -29.48 -11.10 29.65
N THR H 9 -30.55 -10.38 29.99
CA THR H 9 -31.86 -10.62 29.41
C THR H 9 -32.06 -9.86 28.10
N GLY H 10 -31.13 -8.96 27.80
CA GLY H 10 -31.20 -8.18 26.57
C GLY H 10 -31.73 -6.77 26.77
N LYS H 11 -32.21 -6.48 27.98
CA LYS H 11 -32.70 -5.14 28.30
C LYS H 11 -31.53 -4.18 28.46
N THR H 12 -31.79 -2.92 28.20
CA THR H 12 -30.76 -1.89 28.26
C THR H 12 -30.92 -1.05 29.53
N ILE H 13 -29.82 -0.84 30.23
CA ILE H 13 -29.83 0.04 31.39
C ILE H 13 -28.94 1.24 31.09
N THR H 14 -29.12 2.31 31.86
CA THR H 14 -28.35 3.52 31.63
C THR H 14 -27.46 3.84 32.84
N LEU H 15 -26.21 4.17 32.57
CA LEU H 15 -25.26 4.52 33.62
C LEU H 15 -24.74 5.96 33.49
N GLU H 16 -24.49 6.59 34.62
CA GLU H 16 -23.84 7.90 34.64
C GLU H 16 -22.37 7.72 35.00
N VAL H 17 -21.48 7.99 34.05
CA VAL H 17 -20.07 7.72 34.23
C VAL H 17 -19.18 8.90 33.82
N GLU H 18 -17.90 8.81 34.18
CA GLU H 18 -16.89 9.77 33.75
C GLU H 18 -15.84 9.01 32.94
N PRO H 19 -15.23 9.69 31.95
CA PRO H 19 -14.18 9.07 31.13
C PRO H 19 -13.02 8.50 31.94
N SER H 20 -12.80 9.04 33.15
CA SER H 20 -11.71 8.59 33.99
C SER H 20 -12.07 7.40 34.86
N ASP H 21 -13.35 7.01 34.85
CA ASP H 21 -13.80 5.86 35.62
C ASP H 21 -13.18 4.56 35.12
N THR H 22 -12.76 3.72 36.05
CA THR H 22 -12.22 2.41 35.72
C THR H 22 -13.35 1.44 35.40
N ILE H 23 -13.03 0.36 34.70
CA ILE H 23 -14.01 -0.66 34.37
C ILE H 23 -14.56 -1.30 35.65
N GLU H 24 -13.70 -1.38 36.66
CA GLU H 24 -14.11 -1.89 37.97
C GLU H 24 -15.21 -1.02 38.57
N ASN H 25 -15.09 0.29 38.40
CA ASN H 25 -16.12 1.22 38.85
C ASN H 25 -17.42 1.05 38.09
N VAL H 26 -17.31 0.81 36.79
CA VAL H 26 -18.48 0.63 35.94
C VAL H 26 -19.23 -0.64 36.34
N LYS H 27 -18.49 -1.70 36.63
CA LYS H 27 -19.08 -2.95 37.07
C LYS H 27 -19.77 -2.80 38.42
N ALA H 28 -19.25 -1.91 39.25
CA ALA H 28 -19.85 -1.62 40.54
C ALA H 28 -21.21 -0.95 40.39
N LYS H 29 -21.31 -0.05 39.41
CA LYS H 29 -22.56 0.63 39.12
C LYS H 29 -23.58 -0.33 38.52
N ILE H 30 -23.09 -1.30 37.76
CA ILE H 30 -23.93 -2.33 37.16
C ILE H 30 -24.53 -3.23 38.24
N GLN H 31 -23.72 -3.50 39.27
CA GLN H 31 -24.16 -4.29 40.41
C GLN H 31 -25.37 -3.68 41.11
N ASP H 32 -25.36 -2.36 41.25
CA ASP H 32 -26.45 -1.64 41.92
C ASP H 32 -27.78 -1.83 41.19
N LYS H 33 -27.73 -1.98 39.87
CA LYS H 33 -28.94 -2.11 39.08
C LYS H 33 -29.29 -3.56 38.72
N GLU H 34 -28.29 -4.42 38.63
CA GLU H 34 -28.51 -5.79 38.17
C GLU H 34 -28.29 -6.83 39.26
N GLY H 35 -27.61 -6.44 40.34
CA GLY H 35 -27.38 -7.33 41.45
C GLY H 35 -26.28 -8.35 41.21
N ILE H 36 -25.47 -8.10 40.18
CA ILE H 36 -24.35 -8.98 39.86
C ILE H 36 -23.03 -8.37 40.30
N PRO H 37 -22.30 -9.07 41.19
CA PRO H 37 -21.00 -8.63 41.71
C PRO H 37 -19.96 -8.48 40.60
N PRO H 38 -19.08 -7.48 40.72
CA PRO H 38 -18.07 -7.17 39.70
C PRO H 38 -17.17 -8.35 39.35
N ASP H 39 -16.88 -9.22 40.32
CA ASP H 39 -16.00 -10.35 40.08
C ASP H 39 -16.69 -11.47 39.31
N GLN H 40 -17.99 -11.30 39.05
CA GLN H 40 -18.74 -12.26 38.24
C GLN H 40 -19.17 -11.62 36.92
N GLN H 41 -18.73 -10.39 36.69
CA GLN H 41 -19.07 -9.68 35.46
C GLN H 41 -17.94 -9.68 34.45
N ARG H 42 -18.29 -9.73 33.18
CA ARG H 42 -17.37 -9.42 32.10
C ARG H 42 -18.06 -8.48 31.12
N LEU H 43 -17.37 -7.42 30.74
CA LEU H 43 -17.94 -6.42 29.83
C LEU H 43 -17.31 -6.55 28.45
N ILE H 44 -18.15 -6.59 27.43
CA ILE H 44 -17.67 -6.71 26.06
C ILE H 44 -18.05 -5.47 25.25
N PHE H 45 -17.05 -4.90 24.58
CA PHE H 45 -17.26 -3.71 23.75
C PHE H 45 -16.28 -3.71 22.58
N ALA H 46 -16.81 -3.53 21.39
CA ALA H 46 -16.02 -3.50 20.16
C ALA H 46 -15.16 -4.75 20.02
N GLY H 47 -15.76 -5.91 20.26
CA GLY H 47 -15.07 -7.17 20.08
C GLY H 47 -13.96 -7.44 21.09
N LYS H 48 -13.96 -6.70 22.19
CA LYS H 48 -12.95 -6.87 23.22
C LYS H 48 -13.58 -7.06 24.60
N GLN H 49 -12.86 -7.77 25.47
CA GLN H 49 -13.25 -7.90 26.86
C GLN H 49 -12.52 -6.84 27.69
N LEU H 50 -13.27 -6.10 28.50
CA LEU H 50 -12.74 -4.93 29.19
C LEU H 50 -12.04 -5.31 30.50
N GLU H 51 -10.80 -4.87 30.66
CA GLU H 51 -10.02 -5.16 31.85
C GLU H 51 -10.31 -4.16 32.97
N ASP H 52 -10.44 -4.67 34.19
CA ASP H 52 -10.86 -3.87 35.34
C ASP H 52 -9.92 -2.70 35.63
N GLY H 53 -8.62 -2.90 35.40
CA GLY H 53 -7.63 -1.90 35.74
C GLY H 53 -7.65 -0.67 34.86
N ARG H 54 -8.17 -0.82 33.65
CA ARG H 54 -8.16 0.28 32.68
C ARG H 54 -9.40 1.17 32.83
N THR H 55 -9.35 2.33 32.20
CA THR H 55 -10.45 3.30 32.26
C THR H 55 -11.28 3.27 30.98
N LEU H 56 -12.39 3.99 30.99
CA LEU H 56 -13.24 4.08 29.81
C LEU H 56 -12.53 4.82 28.67
N SER H 57 -11.73 5.82 29.02
CA SER H 57 -10.97 6.59 28.05
C SER H 57 -9.93 5.71 27.37
N ASP H 58 -9.39 4.75 28.11
CA ASP H 58 -8.40 3.81 27.58
C ASP H 58 -8.95 3.01 26.39
N TYR H 59 -10.26 2.75 26.41
CA TYR H 59 -10.89 2.01 25.33
C TYR H 59 -11.61 2.95 24.36
N ASN H 60 -11.37 4.25 24.53
CA ASN H 60 -12.01 5.29 23.72
C ASN H 60 -13.54 5.18 23.74
N ILE H 61 -14.08 4.72 24.87
CA ILE H 61 -15.52 4.64 25.05
C ILE H 61 -16.10 6.03 25.30
N GLN H 62 -17.00 6.47 24.42
CA GLN H 62 -17.52 7.81 24.48
C GLN H 62 -18.99 7.84 24.90
N LYS H 63 -19.60 9.02 24.78
CA LYS H 63 -21.01 9.21 25.12
C LYS H 63 -21.93 8.29 24.31
N GLU H 64 -22.92 7.72 25.01
CA GLU H 64 -23.94 6.88 24.39
C GLU H 64 -23.38 5.61 23.75
N SER H 65 -22.23 5.16 24.23
CA SER H 65 -21.69 3.87 23.82
C SER H 65 -22.49 2.75 24.48
N THR H 66 -22.51 1.58 23.85
CA THR H 66 -23.25 0.45 24.40
C THR H 66 -22.33 -0.70 24.78
N LEU H 67 -22.23 -0.95 26.08
CA LEU H 67 -21.44 -2.08 26.57
C LEU H 67 -22.33 -3.31 26.68
N HIS H 68 -21.72 -4.49 26.68
CA HIS H 68 -22.48 -5.72 26.77
C HIS H 68 -22.06 -6.56 27.98
N LEU H 69 -23.01 -6.81 28.88
CA LEU H 69 -22.75 -7.58 30.07
C LEU H 69 -22.96 -9.07 29.83
N VAL H 70 -21.97 -9.87 30.20
CA VAL H 70 -22.10 -11.33 30.16
C VAL H 70 -21.74 -11.90 31.53
N LEU H 71 -22.30 -13.06 31.87
CA LEU H 71 -22.03 -13.64 33.16
C LEU H 71 -20.74 -14.46 33.08
N ARG H 72 -19.81 -14.16 33.97
CA ARG H 72 -18.52 -14.84 34.01
C ARG H 72 -18.70 -16.31 34.40
N LEU H 73 -18.09 -17.20 33.62
CA LEU H 73 -18.20 -18.64 33.83
C LEU H 73 -17.27 -19.15 34.94
N ARG H 74 -17.73 -20.14 35.70
CA ARG H 74 -16.92 -20.75 36.75
C ARG H 74 -15.77 -21.55 36.15
#